data_3LSQ
#
_entry.id   3LSQ
#
_cell.length_a   176.016
_cell.length_b   176.016
_cell.length_c   248.259
_cell.angle_alpha   90.00
_cell.angle_beta   90.00
_cell.angle_gamma   120.00
#
_symmetry.space_group_name_H-M   'H 3 2'
#
loop_
_entity.id
_entity.type
_entity.pdbx_description
1 polymer 'Seryl-tRNA synthetase'
2 non-polymer 'MALONATE ION'
3 non-polymer 'SODIUM ION'
4 water water
#
_entity_poly.entity_id   1
_entity_poly.type   'polypeptide(L)'
_entity_poly.pdbx_seq_one_letter_code
;GPGSMMVLDIQLFRDETGANIIRESQRRRFADPDIVDAIIEADKKWRRTQFLTEASKKLINICSKAVGAKKKAKEADGDT
SEIPPQVKEAYENGTLKGEQVEQLCVLQLKQLSKDLSDQVAGLAKEAQQLEEERDKLMLNVGNILHESVPIAQDEETGNT
VVRTFGNTTKRAKLNHVSIMERLGMMDTSKAVTSMAGGRSYVLKGGLVQLQVALVSYSLDFLVKRGYTPFYPPFFLNRDV
MGEVAQLSQFDEELYQVSGDGDKKYLIATSEMPIAAYHRGRWFTELKEPLKYAGMSTCFRKEAGAHGRDTLGIFRVHQFD
KIEQFVVCSPRQEESWRHLEDMITTSEEFNKSLGLPYRVVNICSGALNNAAAKKYDLEAWFPASGAFRELVSCSNCTDYQ
SQSVNCRYGPNLRGTAAQNVKEYCHMLNGTLCAITRTMCCICENYQTEEGVVIPDVLRPYMMGIEMIRFENNAQAEGTTP
DKGE
;
_entity_poly.pdbx_strand_id   A,B
#
# COMPACT_ATOMS: atom_id res chain seq x y z
N MET A 5 11.08 6.88 -20.33
CA MET A 5 12.42 6.21 -20.38
C MET A 5 13.58 7.06 -19.83
N MET A 6 14.18 6.62 -18.74
CA MET A 6 15.37 7.29 -18.20
C MET A 6 16.66 6.79 -18.86
N VAL A 7 17.38 7.66 -19.59
CA VAL A 7 18.65 7.32 -20.25
C VAL A 7 19.69 8.48 -20.15
N LEU A 8 20.94 8.21 -20.53
CA LEU A 8 22.05 9.20 -20.49
C LEU A 8 21.81 10.44 -21.40
N ASP A 9 22.41 11.57 -21.01
CA ASP A 9 22.30 12.86 -21.71
C ASP A 9 22.94 12.84 -23.11
N ILE A 10 22.15 13.17 -24.14
CA ILE A 10 22.62 13.15 -25.53
C ILE A 10 23.78 14.12 -25.83
N GLN A 11 23.90 15.20 -25.06
CA GLN A 11 24.90 16.23 -25.32
C GLN A 11 26.34 15.69 -25.33
N LEU A 12 26.62 14.71 -24.47
CA LEU A 12 27.99 14.19 -24.33
C LEU A 12 28.40 13.38 -25.58
N PHE A 13 27.41 12.83 -26.28
CA PHE A 13 27.64 12.05 -27.48
C PHE A 13 28.08 12.93 -28.66
N ARG A 14 27.75 14.22 -28.60
CA ARG A 14 27.87 15.09 -29.77
C ARG A 14 29.26 15.70 -30.01
N ASP A 15 30.28 15.27 -29.28
CA ASP A 15 31.67 15.58 -29.69
C ASP A 15 32.56 14.39 -29.45
N GLU A 16 33.69 14.34 -30.15
CA GLU A 16 34.55 13.17 -30.13
C GLU A 16 35.07 12.84 -28.73
N THR A 17 35.43 13.85 -27.94
CA THR A 17 36.01 13.62 -26.64
C THR A 17 35.00 12.95 -25.72
N GLY A 18 33.76 13.40 -25.76
CA GLY A 18 32.71 12.85 -24.93
C GLY A 18 32.30 11.47 -25.42
N ALA A 19 32.27 11.29 -26.75
CA ALA A 19 31.94 9.99 -27.31
C ALA A 19 33.00 8.98 -26.87
N ASN A 20 34.27 9.40 -26.84
CA ASN A 20 35.35 8.51 -26.37
C ASN A 20 35.24 8.18 -24.86
N ILE A 21 34.81 9.16 -24.06
CA ILE A 21 34.57 8.96 -22.63
C ILE A 21 33.45 7.91 -22.45
N ILE A 22 32.39 8.00 -23.23
CA ILE A 22 31.28 7.06 -23.13
C ILE A 22 31.71 5.65 -23.60
N ARG A 23 32.49 5.55 -24.68
CA ARG A 23 32.94 4.24 -25.18
C ARG A 23 33.83 3.57 -24.17
N GLU A 24 34.72 4.32 -23.55
CA GLU A 24 35.58 3.79 -22.51
C GLU A 24 34.77 3.30 -21.31
N SER A 25 33.82 4.11 -20.86
CA SER A 25 32.96 3.72 -19.76
C SER A 25 32.17 2.44 -20.09
N GLN A 26 31.66 2.35 -21.32
CA GLN A 26 30.96 1.15 -21.77
C GLN A 26 31.83 -0.08 -21.64
N ARG A 27 33.08 -0.02 -22.15
CA ARG A 27 33.96 -1.17 -22.12
C ARG A 27 34.25 -1.56 -20.65
N ARG A 28 34.44 -0.58 -19.79
CA ARG A 28 34.77 -0.84 -18.39
C ARG A 28 33.59 -1.40 -17.61
N ARG A 29 32.38 -1.21 -18.14
CA ARG A 29 31.18 -1.77 -17.58
C ARG A 29 30.87 -3.13 -18.21
N PHE A 30 31.69 -3.56 -19.16
CA PHE A 30 31.43 -4.76 -19.95
C PHE A 30 30.20 -4.62 -20.81
N ALA A 31 29.98 -3.41 -21.34
CA ALA A 31 28.85 -3.14 -22.19
C ALA A 31 29.38 -2.90 -23.61
N ASP A 32 28.48 -2.67 -24.55
CA ASP A 32 28.86 -2.48 -25.97
C ASP A 32 29.29 -1.02 -26.25
N PRO A 33 30.58 -0.79 -26.57
CA PRO A 33 30.95 0.57 -26.98
C PRO A 33 30.44 0.93 -28.39
N ASP A 34 30.33 -0.07 -29.26
CA ASP A 34 29.86 0.13 -30.66
C ASP A 34 28.50 0.84 -30.68
N ILE A 35 27.75 0.77 -29.58
CA ILE A 35 26.47 1.45 -29.43
C ILE A 35 26.57 2.97 -29.58
N VAL A 36 27.68 3.54 -29.12
CA VAL A 36 27.89 4.99 -29.15
C VAL A 36 27.81 5.51 -30.60
N ASP A 37 28.44 4.83 -31.56
CA ASP A 37 28.35 5.20 -32.98
C ASP A 37 26.91 5.17 -33.49
N ALA A 38 26.17 4.11 -33.14
CA ALA A 38 24.78 3.96 -33.59
C ALA A 38 23.91 5.09 -33.04
N ILE A 39 24.18 5.51 -31.82
CA ILE A 39 23.43 6.62 -31.21
C ILE A 39 23.77 7.95 -31.90
N ILE A 40 25.06 8.17 -32.17
CA ILE A 40 25.53 9.35 -32.89
C ILE A 40 24.87 9.46 -34.27
N GLU A 41 24.79 8.36 -34.99
CA GLU A 41 24.15 8.34 -36.32
C GLU A 41 22.66 8.67 -36.25
N ALA A 42 21.94 8.02 -35.33
CA ALA A 42 20.50 8.25 -35.16
C ALA A 42 20.27 9.72 -34.82
N ASP A 43 21.11 10.25 -33.95
CA ASP A 43 21.02 11.64 -33.56
C ASP A 43 21.31 12.60 -34.70
N LYS A 44 22.26 12.24 -35.58
CA LYS A 44 22.60 13.11 -36.70
C LYS A 44 21.43 13.22 -37.67
N LYS A 45 20.75 12.12 -37.95
CA LYS A 45 19.53 12.18 -38.79
C LYS A 45 18.43 12.94 -38.07
N TRP A 46 18.26 12.71 -36.77
CA TRP A 46 17.29 13.48 -35.98
C TRP A 46 17.55 14.99 -36.09
N ARG A 47 18.79 15.40 -35.84
CA ARG A 47 19.15 16.81 -35.88
C ARG A 47 18.86 17.38 -37.23
N ARG A 48 19.18 16.64 -38.28
CA ARG A 48 18.80 17.02 -39.65
C ARG A 48 17.29 17.29 -39.86
N THR A 49 16.44 16.48 -39.25
CA THR A 49 15.00 16.74 -39.33
C THR A 49 14.71 18.08 -38.64
N GLN A 50 15.36 18.32 -37.48
CA GLN A 50 15.09 19.55 -36.73
C GLN A 50 15.62 20.76 -37.46
N PHE A 51 16.73 20.61 -38.15
CA PHE A 51 17.28 21.69 -38.96
C PHE A 51 16.37 22.08 -40.12
N LEU A 52 15.87 21.09 -40.85
CA LEU A 52 14.93 21.34 -41.96
C LEU A 52 13.59 21.91 -41.47
N THR A 53 13.07 21.35 -40.37
CA THR A 53 11.83 21.83 -39.75
C THR A 53 11.90 23.31 -39.37
N GLU A 54 12.95 23.73 -38.68
CA GLU A 54 13.11 25.14 -38.31
C GLU A 54 13.22 26.04 -39.54
N ALA A 55 13.95 25.60 -40.55
CA ALA A 55 14.07 26.35 -41.80
C ALA A 55 12.75 26.44 -42.58
N SER A 56 11.96 25.36 -42.55
CA SER A 56 10.67 25.33 -43.25
C SER A 56 9.59 26.15 -42.55
N LYS A 57 9.60 26.15 -41.21
CA LYS A 57 8.69 27.01 -40.46
C LYS A 57 8.98 28.49 -40.75
N LYS A 58 10.26 28.81 -40.89
CA LYS A 58 10.67 30.19 -41.22
C LYS A 58 10.09 30.59 -42.58
N LEU A 59 10.14 29.66 -43.54
CA LEU A 59 9.64 29.90 -44.89
C LEU A 59 8.10 29.89 -44.98
N ILE A 60 7.43 29.36 -43.96
CA ILE A 60 5.97 29.42 -43.89
C ILE A 60 5.53 30.86 -43.67
N ASN A 61 6.22 31.61 -42.82
CA ASN A 61 5.89 33.03 -42.65
C ASN A 61 6.32 33.92 -43.82
N ILE A 62 7.39 33.53 -44.51
CA ILE A 62 7.75 34.21 -45.76
C ILE A 62 6.61 34.02 -46.75
N CYS A 63 6.00 32.83 -46.76
CA CYS A 63 4.81 32.60 -47.58
C CYS A 63 3.63 33.47 -47.13
N SER A 64 3.42 33.59 -45.82
CA SER A 64 2.32 34.39 -45.28
C SER A 64 2.54 35.89 -45.47
N LYS A 65 3.71 36.39 -45.05
CA LYS A 65 4.06 37.82 -45.20
C LYS A 65 3.93 38.31 -46.65
N ALA A 66 4.30 37.44 -47.59
CA ALA A 66 4.30 37.75 -49.03
C ALA A 66 2.87 37.93 -49.56
N VAL A 67 2.00 36.97 -49.26
CA VAL A 67 0.56 37.11 -49.55
C VAL A 67 0.01 38.39 -48.92
N GLY A 68 0.32 38.62 -47.64
CA GLY A 68 -0.11 39.81 -46.91
C GLY A 68 0.30 41.11 -47.59
N ALA A 69 1.51 41.16 -48.16
CA ALA A 69 1.97 42.36 -48.91
C ALA A 69 1.37 42.44 -50.32
N LYS A 70 1.20 41.29 -50.97
CA LYS A 70 0.64 41.21 -52.32
C LYS A 70 -0.84 41.58 -52.38
N LYS A 71 -1.65 40.94 -51.52
CA LYS A 71 -3.09 41.22 -51.47
C LYS A 71 -3.39 42.62 -50.92
N LYS A 72 -2.49 43.14 -50.10
CA LYS A 72 -2.46 44.57 -49.80
C LYS A 72 -2.27 45.42 -51.07
N ALA A 73 -1.37 45.00 -51.96
CA ALA A 73 -1.14 45.68 -53.24
C ALA A 73 -2.13 45.27 -54.34
N LYS A 74 -3.07 44.37 -54.03
CA LYS A 74 -4.20 44.04 -54.92
C LYS A 74 -3.74 43.31 -56.19
N GLU A 75 -3.04 42.19 -56.02
CA GLU A 75 -2.41 41.50 -57.15
C GLU A 75 -2.92 40.09 -57.42
N ALA A 76 -3.10 39.77 -58.70
CA ALA A 76 -3.43 38.43 -59.15
C ALA A 76 -2.26 37.47 -58.94
N VAL A 106 0.91 34.64 -55.76
CA VAL A 106 0.06 34.44 -54.59
C VAL A 106 -0.43 32.99 -54.53
N LEU A 107 -1.06 32.53 -55.62
CA LEU A 107 -1.60 31.17 -55.68
C LEU A 107 -0.50 30.12 -55.53
N GLN A 108 0.71 30.45 -55.97
CA GLN A 108 1.87 29.62 -55.66
C GLN A 108 2.26 29.69 -54.18
N LEU A 109 2.30 30.92 -53.62
CA LEU A 109 2.71 31.12 -52.22
C LEU A 109 1.82 30.38 -51.23
N LYS A 110 0.54 30.26 -51.58
CA LYS A 110 -0.41 29.49 -50.80
C LYS A 110 -0.10 28.01 -50.92
N GLN A 111 0.12 27.54 -52.14
CA GLN A 111 0.39 26.11 -52.33
C GLN A 111 1.69 25.73 -51.61
N LEU A 112 2.70 26.60 -51.73
CA LEU A 112 3.98 26.39 -51.02
C LEU A 112 3.84 26.38 -49.48
N SER A 113 2.96 27.23 -48.91
CA SER A 113 2.68 27.17 -47.46
C SER A 113 2.13 25.79 -47.06
N LYS A 114 1.20 25.30 -47.86
CA LYS A 114 0.54 24.03 -47.63
C LYS A 114 1.58 22.90 -47.70
N ASP A 115 2.43 22.96 -48.72
CA ASP A 115 3.38 21.87 -48.94
C ASP A 115 4.47 21.85 -47.87
N LEU A 116 4.98 23.03 -47.52
CA LEU A 116 5.89 23.17 -46.39
C LEU A 116 5.30 22.66 -45.07
N SER A 117 3.99 22.88 -44.86
CA SER A 117 3.33 22.39 -43.67
C SER A 117 3.21 20.85 -43.74
N ASP A 118 3.05 20.34 -44.96
CA ASP A 118 3.09 18.89 -45.22
C ASP A 118 4.46 18.33 -44.93
N GLN A 119 5.49 18.98 -45.46
CA GLN A 119 6.87 18.59 -45.18
C GLN A 119 7.22 18.64 -43.68
N VAL A 120 6.76 19.66 -42.96
CA VAL A 120 7.00 19.76 -41.51
C VAL A 120 6.31 18.59 -40.79
N ALA A 121 5.09 18.24 -41.19
CA ALA A 121 4.38 17.11 -40.59
C ALA A 121 5.12 15.78 -40.89
N GLY A 122 5.66 15.67 -42.10
CA GLY A 122 6.45 14.49 -42.47
C GLY A 122 7.74 14.44 -41.66
N LEU A 123 8.40 15.59 -41.53
CA LEU A 123 9.64 15.65 -40.77
C LEU A 123 9.40 15.32 -39.29
N ALA A 124 8.21 15.60 -38.76
CA ALA A 124 7.92 15.37 -37.33
C ALA A 124 7.74 13.87 -37.07
N LYS A 125 7.08 13.18 -38.00
CA LYS A 125 6.91 11.74 -37.87
C LYS A 125 8.25 11.01 -37.95
N GLU A 126 9.13 11.42 -38.88
CA GLU A 126 10.51 10.89 -38.92
C GLU A 126 11.23 11.22 -37.63
N ALA A 127 11.21 12.50 -37.26
CA ALA A 127 11.89 12.95 -36.05
C ALA A 127 11.46 12.12 -34.85
N GLN A 128 10.17 11.85 -34.71
CA GLN A 128 9.69 11.04 -33.59
C GLN A 128 10.22 9.61 -33.61
N GLN A 129 10.35 9.03 -34.80
CA GLN A 129 10.82 7.63 -34.95
C GLN A 129 12.29 7.52 -34.57
N LEU A 130 13.06 8.50 -35.00
CA LEU A 130 14.47 8.58 -34.67
C LEU A 130 14.70 8.78 -33.17
N GLU A 131 13.87 9.59 -32.50
CA GLU A 131 14.01 9.74 -31.04
C GLU A 131 13.78 8.42 -30.33
N GLU A 132 12.77 7.67 -30.79
CA GLU A 132 12.46 6.40 -30.14
CA GLU A 132 12.44 6.38 -30.18
C GLU A 132 13.58 5.37 -30.37
N GLU A 133 14.14 5.33 -31.58
CA GLU A 133 15.27 4.45 -31.93
C GLU A 133 16.51 4.83 -31.13
N ARG A 134 16.81 6.13 -31.08
CA ARG A 134 17.93 6.65 -30.28
C ARG A 134 17.79 6.27 -28.80
N ASP A 135 16.67 6.65 -28.19
CA ASP A 135 16.50 6.44 -26.75
C ASP A 135 16.50 4.93 -26.41
N LYS A 136 15.95 4.12 -27.33
CA LYS A 136 16.01 2.65 -27.26
C LYS A 136 17.47 2.16 -27.20
N LEU A 137 18.30 2.59 -28.16
CA LEU A 137 19.74 2.29 -28.13
C LEU A 137 20.38 2.70 -26.80
N MET A 138 20.02 3.88 -26.30
CA MET A 138 20.59 4.41 -25.07
C MET A 138 20.28 3.59 -23.80
N LEU A 139 19.23 2.76 -23.83
CA LEU A 139 18.89 1.92 -22.68
C LEU A 139 20.04 1.05 -22.21
N ASN A 140 20.99 0.80 -23.11
CA ASN A 140 22.14 -0.02 -22.78
C ASN A 140 23.41 0.81 -22.60
N VAL A 141 23.25 2.13 -22.47
CA VAL A 141 24.38 3.01 -22.14
C VAL A 141 24.32 3.48 -20.69
N GLY A 142 25.31 3.05 -19.92
CA GLY A 142 25.39 3.42 -18.53
C GLY A 142 25.99 4.78 -18.29
N ASN A 143 25.76 5.29 -17.07
CA ASN A 143 26.39 6.50 -16.63
C ASN A 143 27.89 6.29 -16.65
N ILE A 144 28.62 7.38 -16.86
CA ILE A 144 30.09 7.34 -16.91
C ILE A 144 30.65 6.89 -15.56
N LEU A 145 31.39 5.79 -15.54
CA LEU A 145 31.94 5.23 -14.30
C LEU A 145 32.93 6.15 -13.66
N HIS A 146 32.89 6.21 -12.34
CA HIS A 146 33.92 6.87 -11.61
C HIS A 146 35.19 6.07 -11.81
N GLU A 147 36.34 6.74 -11.68
CA GLU A 147 37.62 6.11 -11.88
C GLU A 147 38.00 5.10 -10.84
N SER A 148 37.33 5.12 -9.69
CA SER A 148 37.58 4.16 -8.60
C SER A 148 36.67 2.92 -8.61
N VAL A 149 35.81 2.79 -9.60
CA VAL A 149 34.93 1.60 -9.64
C VAL A 149 35.76 0.34 -9.96
N PRO A 150 35.59 -0.72 -9.16
CA PRO A 150 36.33 -1.94 -9.51
C PRO A 150 35.86 -2.50 -10.86
N ILE A 151 36.77 -3.07 -11.64
CA ILE A 151 36.44 -3.59 -12.97
C ILE A 151 36.30 -5.10 -12.87
N ALA A 152 35.04 -5.55 -12.84
CA ALA A 152 34.72 -6.96 -12.69
C ALA A 152 33.24 -7.11 -13.02
N GLN A 153 32.87 -8.34 -13.35
CA GLN A 153 31.50 -8.67 -13.76
C GLN A 153 30.72 -9.29 -12.64
N ASP A 154 31.41 -10.05 -11.81
CA ASP A 154 30.79 -10.87 -10.80
C ASP A 154 30.90 -10.18 -9.44
N GLU A 155 29.76 -9.71 -8.93
CA GLU A 155 29.66 -9.16 -7.56
C GLU A 155 30.25 -10.05 -6.47
N GLU A 156 29.97 -11.36 -6.58
CA GLU A 156 30.41 -12.37 -5.60
C GLU A 156 31.89 -12.21 -5.22
N THR A 157 32.73 -12.00 -6.22
CA THR A 157 34.18 -11.79 -6.00
C THR A 157 34.70 -10.41 -6.46
N GLY A 158 33.94 -9.69 -7.27
CA GLY A 158 34.44 -8.45 -7.91
C GLY A 158 34.28 -7.16 -7.11
N ASN A 159 33.40 -7.15 -6.10
CA ASN A 159 33.26 -5.97 -5.25
C ASN A 159 34.50 -5.80 -4.42
N THR A 160 34.87 -4.55 -4.14
CA THR A 160 36.06 -4.28 -3.38
C THR A 160 35.65 -3.83 -1.98
N VAL A 161 36.23 -4.42 -0.94
CA VAL A 161 35.92 -4.03 0.43
C VAL A 161 36.69 -2.77 0.82
N VAL A 162 35.96 -1.74 1.22
CA VAL A 162 36.55 -0.46 1.53
C VAL A 162 36.89 -0.35 3.03
N ARG A 163 35.99 -0.81 3.92
CA ARG A 163 36.12 -0.58 5.36
C ARG A 163 35.30 -1.65 6.04
N THR A 164 35.64 -1.99 7.29
CA THR A 164 34.83 -2.91 8.06
C THR A 164 34.64 -2.37 9.49
N PHE A 165 33.58 -2.79 10.16
CA PHE A 165 33.30 -2.36 11.53
C PHE A 165 32.84 -3.53 12.37
N GLY A 166 33.45 -3.69 13.54
CA GLY A 166 32.92 -4.60 14.54
C GLY A 166 33.47 -6.01 14.34
N ASN A 167 32.90 -6.98 15.05
CA ASN A 167 33.34 -8.37 14.91
C ASN A 167 32.53 -9.00 13.77
N THR A 168 33.09 -8.98 12.58
CA THR A 168 32.42 -9.48 11.42
C THR A 168 32.65 -10.98 11.26
N THR A 169 33.19 -11.66 12.28
CA THR A 169 33.27 -13.14 12.30
C THR A 169 32.46 -13.75 13.46
N LYS A 170 31.77 -12.90 14.19
CA LYS A 170 30.89 -13.31 15.30
C LYS A 170 29.86 -14.38 14.87
N ARG A 171 29.62 -15.32 15.78
CA ARG A 171 28.62 -16.35 15.58
C ARG A 171 27.54 -16.29 16.66
N ALA A 172 26.31 -16.63 16.27
CA ALA A 172 25.20 -16.65 17.19
C ALA A 172 24.31 -17.85 16.89
N LYS A 173 23.37 -18.11 17.79
CA LYS A 173 22.60 -19.35 17.76
C LYS A 173 21.48 -19.33 16.74
N LEU A 174 20.53 -18.40 16.87
CA LEU A 174 19.33 -18.45 16.05
C LEU A 174 19.36 -17.39 14.96
N ASN A 175 18.88 -17.75 13.77
CA ASN A 175 18.73 -16.77 12.71
C ASN A 175 17.50 -15.88 12.94
N HIS A 176 17.40 -14.82 12.16
CA HIS A 176 16.30 -13.87 12.32
C HIS A 176 14.95 -14.48 12.22
N VAL A 177 14.78 -15.46 11.31
CA VAL A 177 13.50 -16.09 11.14
C VAL A 177 13.09 -16.85 12.41
N SER A 178 14.00 -17.67 12.92
CA SER A 178 13.81 -18.45 14.16
C SER A 178 13.51 -17.54 15.37
N ILE A 179 14.22 -16.42 15.45
CA ILE A 179 14.01 -15.43 16.51
C ILE A 179 12.64 -14.84 16.44
N MET A 180 12.27 -14.30 15.29
CA MET A 180 10.98 -13.67 15.18
C MET A 180 9.84 -14.68 15.37
N GLU A 181 10.07 -15.94 15.03
CA GLU A 181 9.09 -16.98 15.31
C GLU A 181 8.95 -17.19 16.83
N ARG A 182 10.09 -17.33 17.51
CA ARG A 182 10.05 -17.61 18.95
C ARG A 182 9.50 -16.44 19.75
N LEU A 183 9.61 -15.23 19.20
CA LEU A 183 9.04 -14.06 19.85
C LEU A 183 7.52 -14.07 19.80
N GLY A 184 6.94 -14.75 18.81
CA GLY A 184 5.49 -14.79 18.62
C GLY A 184 4.97 -13.51 18.01
N MET A 185 5.84 -12.74 17.36
CA MET A 185 5.51 -11.37 16.97
C MET A 185 5.54 -11.15 15.45
N MET A 186 5.70 -12.22 14.68
CA MET A 186 5.69 -12.15 13.21
C MET A 186 4.91 -13.31 12.65
N ASP A 187 4.04 -13.03 11.72
CA ASP A 187 3.28 -14.09 11.11
C ASP A 187 3.45 -14.03 9.60
N THR A 188 4.09 -15.04 9.04
CA THR A 188 4.26 -15.17 7.60
C THR A 188 3.60 -16.42 7.08
N SER A 189 2.71 -17.00 7.89
CA SER A 189 2.03 -18.22 7.56
C SER A 189 0.89 -18.04 6.53
N LYS A 190 0.24 -19.14 6.16
CA LYS A 190 -0.91 -19.12 5.22
C LYS A 190 -2.09 -18.24 5.67
N ALA A 191 -2.28 -18.10 6.97
CA ALA A 191 -3.24 -17.12 7.50
C ALA A 191 -2.98 -15.73 6.93
N VAL A 192 -1.71 -15.39 6.67
CA VAL A 192 -1.36 -14.11 6.05
C VAL A 192 -1.29 -14.21 4.53
N THR A 193 -0.63 -15.26 4.00
CA THR A 193 -0.33 -15.29 2.57
C THR A 193 -1.58 -15.65 1.76
N SER A 194 -2.53 -16.34 2.35
CA SER A 194 -3.82 -16.54 1.70
C SER A 194 -4.65 -15.24 1.62
N MET A 195 -4.40 -14.28 2.51
CA MET A 195 -5.01 -12.96 2.49
C MET A 195 -4.36 -11.98 1.48
N ALA A 196 -3.03 -12.00 1.47
CA ALA A 196 -2.20 -10.93 0.87
C ALA A 196 -1.17 -11.44 -0.17
N GLY A 197 -1.17 -12.74 -0.45
CA GLY A 197 -0.19 -13.35 -1.37
C GLY A 197 1.19 -13.60 -0.78
N GLY A 198 2.04 -14.21 -1.59
CA GLY A 198 3.40 -14.57 -1.20
C GLY A 198 4.23 -13.46 -0.60
N ARG A 199 5.02 -13.83 0.40
CA ARG A 199 5.96 -12.92 1.09
C ARG A 199 5.26 -11.75 1.77
N SER A 200 3.99 -11.92 2.11
CA SER A 200 3.31 -10.95 2.93
C SER A 200 3.50 -11.34 4.40
N TYR A 201 3.29 -10.40 5.29
CA TYR A 201 3.53 -10.63 6.71
C TYR A 201 2.71 -9.69 7.57
N VAL A 202 2.51 -10.14 8.80
CA VAL A 202 1.97 -9.33 9.89
C VAL A 202 3.06 -9.24 10.94
N LEU A 203 3.29 -8.05 11.47
CA LEU A 203 4.07 -7.86 12.65
C LEU A 203 3.15 -7.52 13.81
N LYS A 204 3.53 -7.95 14.99
CA LYS A 204 2.78 -7.67 16.20
C LYS A 204 3.69 -7.25 17.34
N GLY A 205 3.08 -6.63 18.33
CA GLY A 205 3.70 -6.50 19.65
C GLY A 205 4.98 -5.73 19.59
N GLY A 206 5.98 -6.26 20.30
CA GLY A 206 7.30 -5.70 20.42
C GLY A 206 7.99 -5.43 19.11
N LEU A 207 7.71 -6.21 18.07
CA LEU A 207 8.35 -5.94 16.77
C LEU A 207 7.78 -4.72 16.05
N VAL A 208 6.48 -4.43 16.25
CA VAL A 208 5.92 -3.16 15.77
C VAL A 208 6.54 -1.98 16.56
N GLN A 209 6.75 -2.16 17.85
CA GLN A 209 7.36 -1.10 18.64
C GLN A 209 8.75 -0.81 18.15
N LEU A 210 9.51 -1.88 17.87
CA LEU A 210 10.81 -1.78 17.30
C LEU A 210 10.80 -1.10 15.92
N GLN A 211 9.90 -1.53 15.06
CA GLN A 211 9.72 -0.89 13.74
C GLN A 211 9.51 0.63 13.84
N VAL A 212 8.59 1.04 14.71
CA VAL A 212 8.31 2.48 14.88
C VAL A 212 9.49 3.19 15.56
N ALA A 213 10.19 2.53 16.50
CA ALA A 213 11.38 3.08 17.11
C ALA A 213 12.39 3.37 16.02
N LEU A 214 12.58 2.43 15.09
CA LEU A 214 13.57 2.63 14.01
C LEU A 214 13.18 3.76 13.05
N VAL A 215 11.89 3.86 12.74
CA VAL A 215 11.41 4.94 11.87
C VAL A 215 11.71 6.29 12.52
N SER A 216 11.31 6.47 13.78
CA SER A 216 11.48 7.74 14.45
C SER A 216 12.94 8.07 14.71
N TYR A 217 13.73 7.10 15.16
CA TYR A 217 15.15 7.34 15.40
C TYR A 217 15.85 7.71 14.10
N SER A 218 15.50 7.00 13.02
CA SER A 218 16.08 7.24 11.71
C SER A 218 15.81 8.65 11.25
N LEU A 219 14.56 9.07 11.39
CA LEU A 219 14.16 10.42 11.01
C LEU A 219 14.96 11.44 11.79
N ASP A 220 15.00 11.28 13.11
CA ASP A 220 15.74 12.24 13.97
C ASP A 220 17.25 12.28 13.64
N PHE A 221 17.80 11.12 13.33
CA PHE A 221 19.23 10.98 12.99
C PHE A 221 19.59 11.88 11.80
N LEU A 222 18.73 11.88 10.80
CA LEU A 222 18.95 12.69 9.60
C LEU A 222 18.57 14.17 9.81
N VAL A 223 17.50 14.43 10.54
CA VAL A 223 17.16 15.83 10.91
C VAL A 223 18.37 16.50 11.57
N LYS A 224 19.00 15.80 12.51
CA LYS A 224 20.18 16.36 13.20
C LYS A 224 21.36 16.62 12.26
N ARG A 225 21.35 16.01 11.07
CA ARG A 225 22.46 16.16 10.12
C ARG A 225 22.08 17.06 8.97
N GLY A 226 20.96 17.78 9.13
CA GLY A 226 20.59 18.82 8.20
C GLY A 226 19.69 18.37 7.07
N TYR A 227 19.12 17.16 7.16
CA TYR A 227 18.19 16.72 6.13
C TYR A 227 16.80 17.24 6.41
N THR A 228 16.08 17.56 5.33
CA THR A 228 14.69 17.95 5.44
C THR A 228 13.78 16.68 5.27
N PRO A 229 12.97 16.36 6.30
CA PRO A 229 12.02 15.25 6.12
C PRO A 229 11.11 15.44 4.91
N PHE A 230 10.81 14.35 4.22
CA PHE A 230 9.98 14.38 3.00
C PHE A 230 9.09 13.12 3.00
N TYR A 231 7.77 13.31 3.03
CA TYR A 231 6.78 12.24 2.97
C TYR A 231 6.06 12.42 1.64
N PRO A 232 6.30 11.50 0.68
CA PRO A 232 5.78 11.56 -0.67
C PRO A 232 4.45 10.84 -0.83
N PRO A 233 3.78 11.06 -1.94
CA PRO A 233 2.76 10.12 -2.40
C PRO A 233 3.39 8.78 -2.72
N PHE A 234 2.64 7.69 -2.52
CA PHE A 234 3.17 6.34 -2.76
C PHE A 234 2.82 5.85 -4.14
N PHE A 235 2.14 6.68 -4.93
CA PHE A 235 1.75 6.42 -6.31
C PHE A 235 2.47 7.40 -7.18
N LEU A 236 2.93 6.99 -8.36
CA LEU A 236 3.27 7.94 -9.45
C LEU A 236 2.63 7.51 -10.75
N ASN A 237 2.24 8.51 -11.55
CA ASN A 237 1.75 8.32 -12.92
C ASN A 237 2.83 7.66 -13.78
N ARG A 238 2.41 6.94 -14.80
CA ARG A 238 3.31 6.20 -15.70
C ARG A 238 4.28 7.14 -16.37
N ASP A 239 3.76 8.26 -16.86
CA ASP A 239 4.53 9.29 -17.52
C ASP A 239 5.73 9.71 -16.64
N VAL A 240 5.46 10.02 -15.38
CA VAL A 240 6.49 10.54 -14.51
C VAL A 240 7.43 9.43 -14.02
N MET A 241 6.87 8.24 -13.76
CA MET A 241 7.64 7.10 -13.33
C MET A 241 8.70 6.74 -14.34
N GLY A 242 8.36 6.85 -15.62
CA GLY A 242 9.29 6.62 -16.73
C GLY A 242 10.52 7.52 -16.75
N GLU A 243 10.42 8.70 -16.14
CA GLU A 243 11.52 9.66 -16.14
C GLU A 243 12.54 9.35 -15.04
N VAL A 244 12.08 8.64 -14.02
CA VAL A 244 12.90 8.36 -12.84
C VAL A 244 13.18 6.86 -12.62
N ALA A 245 12.64 5.99 -13.46
CA ALA A 245 12.83 4.55 -13.28
C ALA A 245 13.37 3.94 -14.56
N GLN A 246 14.28 2.97 -14.43
CA GLN A 246 14.79 2.22 -15.59
C GLN A 246 13.65 1.31 -16.12
N LEU A 247 13.56 1.15 -17.44
CA LEU A 247 12.44 0.39 -18.05
C LEU A 247 12.36 -1.10 -17.62
N SER A 248 13.46 -1.64 -17.13
CA SER A 248 13.45 -2.97 -16.51
C SER A 248 12.79 -2.98 -15.12
N GLN A 249 12.63 -1.82 -14.49
CA GLN A 249 11.96 -1.76 -13.19
C GLN A 249 10.43 -1.89 -13.32
N PHE A 250 9.84 -1.39 -14.41
CA PHE A 250 8.41 -1.61 -14.68
C PHE A 250 8.10 -3.10 -14.78
N ASP A 251 8.95 -3.79 -15.52
CA ASP A 251 8.83 -5.23 -15.71
C ASP A 251 8.91 -6.01 -14.38
N GLU A 252 9.96 -5.75 -13.60
CA GLU A 252 10.39 -6.65 -12.52
C GLU A 252 10.05 -6.17 -11.13
N GLU A 253 9.74 -4.89 -11.00
CA GLU A 253 9.66 -4.33 -9.68
C GLU A 253 8.36 -3.60 -9.31
N LEU A 254 7.64 -3.04 -10.29
CA LEU A 254 6.60 -2.03 -9.94
C LEU A 254 5.18 -2.61 -10.00
N TYR A 255 4.42 -2.50 -8.91
CA TYR A 255 2.99 -2.76 -8.97
C TYR A 255 2.26 -1.62 -9.68
N GLN A 256 1.26 -1.98 -10.45
CA GLN A 256 0.36 -1.03 -11.11
C GLN A 256 -0.90 -0.87 -10.24
N VAL A 257 -1.37 0.36 -10.10
CA VAL A 257 -2.54 0.70 -9.30
C VAL A 257 -3.52 1.33 -10.25
N SER A 258 -4.78 0.93 -10.15
CA SER A 258 -5.83 1.52 -10.96
C SER A 258 -7.09 1.86 -10.18
N GLY A 259 -7.96 2.61 -10.85
CA GLY A 259 -9.33 2.93 -10.40
C GLY A 259 -9.57 4.43 -10.53
N ASP A 260 -8.88 5.18 -9.70
CA ASP A 260 -9.05 6.62 -9.63
C ASP A 260 -8.16 7.34 -10.67
N GLY A 261 -8.79 7.72 -11.80
CA GLY A 261 -8.14 8.52 -12.83
C GLY A 261 -7.12 7.74 -13.64
N ASP A 262 -5.97 8.37 -13.89
CA ASP A 262 -4.91 7.75 -14.69
C ASP A 262 -4.25 6.58 -13.95
N LYS A 263 -3.74 5.61 -14.70
CA LYS A 263 -3.00 4.48 -14.09
C LYS A 263 -1.69 4.94 -13.47
N LYS A 264 -1.35 4.32 -12.35
CA LYS A 264 -0.19 4.70 -11.58
C LYS A 264 0.56 3.45 -11.15
N TYR A 265 1.73 3.67 -10.55
CA TYR A 265 2.57 2.64 -10.01
C TYR A 265 2.83 2.96 -8.57
N LEU A 266 2.87 1.94 -7.72
CA LEU A 266 3.37 2.09 -6.38
C LEU A 266 4.88 2.31 -6.43
N ILE A 267 5.37 3.18 -5.55
CA ILE A 267 6.79 3.49 -5.48
C ILE A 267 7.57 2.33 -4.87
N ALA A 268 8.74 2.06 -5.45
CA ALA A 268 9.67 1.07 -4.95
C ALA A 268 10.65 1.70 -3.96
N THR A 269 10.75 3.02 -3.97
CA THR A 269 11.65 3.79 -3.07
C THR A 269 11.20 5.24 -3.06
N SER A 270 11.37 5.99 -1.96
CA SER A 270 11.06 7.43 -1.97
C SER A 270 11.96 8.25 -2.91
N GLU A 271 13.09 7.69 -3.33
CA GLU A 271 13.91 8.30 -4.36
C GLU A 271 13.13 8.59 -5.66
N MET A 272 12.19 7.70 -6.02
CA MET A 272 11.39 7.94 -7.20
C MET A 272 10.59 9.26 -7.09
N PRO A 273 9.73 9.40 -6.07
CA PRO A 273 8.94 10.62 -6.03
C PRO A 273 9.78 11.86 -5.70
N ILE A 274 10.86 11.70 -4.93
CA ILE A 274 11.70 12.86 -4.62
C ILE A 274 12.42 13.36 -5.88
N ALA A 275 12.91 12.46 -6.72
CA ALA A 275 13.56 12.84 -7.98
C ALA A 275 12.50 13.52 -8.86
N ALA A 276 11.31 12.90 -8.92
CA ALA A 276 10.21 13.39 -9.76
C ALA A 276 9.70 14.77 -9.30
N TYR A 277 9.77 15.03 -8.01
CA TYR A 277 9.42 16.34 -7.46
C TYR A 277 10.28 17.51 -8.03
N HIS A 278 11.46 17.20 -8.55
CA HIS A 278 12.39 18.21 -9.12
C HIS A 278 12.29 18.31 -10.63
N ARG A 279 11.32 17.63 -11.22
CA ARG A 279 11.16 17.72 -12.68
C ARG A 279 10.85 19.14 -13.07
N GLY A 280 11.51 19.59 -14.13
CA GLY A 280 11.32 20.93 -14.67
C GLY A 280 11.80 22.06 -13.80
N ARG A 281 12.49 21.75 -12.71
CA ARG A 281 13.07 22.80 -11.88
C ARG A 281 14.39 23.33 -12.46
N TRP A 282 14.83 24.47 -11.94
CA TRP A 282 16.04 25.13 -12.43
C TRP A 282 16.62 25.88 -11.22
N PHE A 283 17.78 25.44 -10.77
CA PHE A 283 18.45 26.02 -9.61
C PHE A 283 19.64 26.81 -10.12
N THR A 284 19.57 28.12 -10.06
CA THR A 284 20.65 28.97 -10.56
C THR A 284 21.93 28.76 -9.76
N GLU A 285 21.77 28.48 -8.49
CA GLU A 285 22.88 28.23 -7.59
C GLU A 285 22.42 27.27 -6.50
N LEU A 286 23.35 26.48 -5.99
CA LEU A 286 23.09 25.63 -4.85
C LEU A 286 24.35 25.72 -3.99
N LYS A 287 24.50 26.87 -3.34
CA LYS A 287 25.64 27.10 -2.44
C LYS A 287 25.55 26.05 -1.36
N GLU A 288 24.33 25.72 -1.00
CA GLU A 288 24.06 24.60 -0.10
C GLU A 288 23.31 23.53 -0.88
N PRO A 289 23.62 22.24 -0.65
CA PRO A 289 22.79 21.24 -1.35
C PRO A 289 21.38 21.16 -0.78
N LEU A 290 20.47 20.55 -1.55
CA LEU A 290 19.17 20.16 -1.02
C LEU A 290 19.34 18.75 -0.47
N LYS A 291 19.02 18.55 0.81
CA LYS A 291 19.13 17.24 1.46
C LYS A 291 17.80 16.84 2.06
N TYR A 292 17.29 15.70 1.62
CA TYR A 292 15.98 15.24 2.02
C TYR A 292 16.09 13.90 2.65
N ALA A 293 15.32 13.75 3.72
CA ALA A 293 15.18 12.48 4.43
C ALA A 293 13.85 11.89 3.98
N GLY A 294 13.87 11.00 2.99
CA GLY A 294 12.60 10.43 2.46
C GLY A 294 12.05 9.36 3.42
N MET A 295 10.79 9.47 3.75
CA MET A 295 10.13 8.52 4.62
C MET A 295 8.95 7.92 3.88
N SER A 296 8.96 6.61 3.61
CA SER A 296 7.77 6.02 3.01
C SER A 296 7.72 4.52 3.20
N THR A 297 6.59 3.94 2.82
CA THR A 297 6.48 2.53 2.60
C THR A 297 6.87 2.34 1.15
N CYS A 298 7.61 1.28 0.89
CA CYS A 298 8.01 0.88 -0.46
C CYS A 298 7.39 -0.45 -0.84
N PHE A 299 7.15 -0.61 -2.14
CA PHE A 299 6.51 -1.80 -2.67
C PHE A 299 7.31 -2.32 -3.86
N ARG A 300 7.66 -3.60 -3.80
CA ARG A 300 8.50 -4.24 -4.81
C ARG A 300 7.89 -5.57 -5.19
N LYS A 301 7.62 -5.76 -6.47
CA LYS A 301 7.09 -7.04 -6.94
C LYS A 301 8.10 -8.19 -6.75
N GLU A 302 9.38 -7.86 -6.75
CA GLU A 302 10.51 -8.82 -6.66
C GLU A 302 10.46 -9.96 -7.69
N ALA A 303 10.08 -9.64 -8.93
CA ALA A 303 9.98 -10.63 -10.01
C ALA A 303 11.27 -10.70 -10.82
N LEU A 311 14.04 -16.57 4.20
CA LEU A 311 12.71 -15.93 4.10
C LEU A 311 12.48 -14.91 5.24
N GLY A 312 11.41 -15.10 6.03
CA GLY A 312 11.07 -14.17 7.09
C GLY A 312 10.74 -12.80 6.51
N ILE A 313 11.14 -11.73 7.16
CA ILE A 313 10.83 -10.41 6.65
C ILE A 313 12.02 -9.70 5.99
N PHE A 314 13.04 -10.45 5.61
CA PHE A 314 14.24 -9.81 5.05
C PHE A 314 13.96 -9.32 3.61
N ARG A 315 13.37 -10.16 2.78
CA ARG A 315 13.02 -9.78 1.40
C ARG A 315 11.52 -9.92 1.22
N VAL A 316 10.83 -8.80 1.21
CA VAL A 316 9.36 -8.77 1.24
C VAL A 316 8.88 -7.74 0.23
N HIS A 317 7.58 -7.77 -0.10
CA HIS A 317 7.04 -6.84 -1.07
C HIS A 317 6.80 -5.46 -0.47
N GLN A 318 6.56 -5.39 0.84
CA GLN A 318 6.14 -4.14 1.47
C GLN A 318 7.05 -3.86 2.65
N PHE A 319 7.68 -2.68 2.65
CA PHE A 319 8.58 -2.34 3.73
C PHE A 319 8.78 -0.84 3.87
N ASP A 320 8.94 -0.41 5.12
CA ASP A 320 9.30 0.97 5.44
C ASP A 320 10.76 1.21 5.18
N LYS A 321 11.06 2.42 4.70
CA LYS A 321 12.39 2.80 4.46
C LYS A 321 12.59 4.33 4.70
N ILE A 322 13.72 4.66 5.28
CA ILE A 322 14.16 6.03 5.37
C ILE A 322 15.36 6.18 4.48
N GLU A 323 15.28 7.14 3.57
CA GLU A 323 16.27 7.31 2.48
CA GLU A 323 16.32 7.31 2.54
C GLU A 323 16.93 8.71 2.56
N GLN A 324 18.18 8.80 2.13
CA GLN A 324 18.89 10.06 1.98
C GLN A 324 18.77 10.42 0.51
N PHE A 325 18.38 11.65 0.19
CA PHE A 325 18.37 12.13 -1.20
C PHE A 325 19.02 13.49 -1.24
N VAL A 326 20.02 13.65 -2.10
CA VAL A 326 20.76 14.91 -2.23
C VAL A 326 20.70 15.46 -3.65
N VAL A 327 20.40 16.75 -3.76
CA VAL A 327 20.48 17.51 -5.01
C VAL A 327 21.55 18.58 -4.84
N CYS A 328 22.56 18.56 -5.70
CA CYS A 328 23.67 19.50 -5.57
C CYS A 328 24.17 20.04 -6.88
N SER A 329 25.02 21.05 -6.76
CA SER A 329 25.72 21.62 -7.91
C SER A 329 26.49 20.56 -8.67
N PRO A 330 26.45 20.62 -10.00
CA PRO A 330 27.28 19.72 -10.83
C PRO A 330 28.77 20.08 -10.91
N ARG A 331 29.20 21.15 -10.26
CA ARG A 331 30.56 21.63 -10.42
C ARG A 331 31.54 21.19 -9.36
N GLN A 332 32.81 21.17 -9.76
CA GLN A 332 33.94 20.89 -8.86
C GLN A 332 33.78 19.57 -8.11
N GLU A 333 33.11 18.63 -8.75
CA GLU A 333 32.95 17.30 -8.21
C GLU A 333 32.33 17.29 -6.82
N GLU A 334 31.48 18.28 -6.55
CA GLU A 334 30.83 18.36 -5.25
C GLU A 334 30.04 17.07 -4.97
N SER A 335 29.43 16.47 -5.99
CA SER A 335 28.62 15.29 -5.77
C SER A 335 29.43 14.15 -5.17
N TRP A 336 30.69 14.04 -5.55
CA TRP A 336 31.54 13.00 -5.00
C TRP A 336 31.81 13.17 -3.49
N ARG A 337 31.86 14.43 -3.06
CA ARG A 337 32.04 14.74 -1.66
C ARG A 337 30.77 14.33 -0.93
N HIS A 338 29.60 14.55 -1.53
CA HIS A 338 28.38 14.18 -0.82
C HIS A 338 28.22 12.66 -0.74
N LEU A 339 28.66 11.93 -1.76
CA LEU A 339 28.60 10.49 -1.70
C LEU A 339 29.36 9.96 -0.48
N GLU A 340 30.56 10.50 -0.25
CA GLU A 340 31.35 10.13 0.91
C GLU A 340 30.63 10.47 2.20
N ASP A 341 29.99 11.64 2.28
CA ASP A 341 29.21 11.98 3.47
C ASP A 341 28.03 11.06 3.70
N MET A 342 27.35 10.68 2.61
CA MET A 342 26.18 9.83 2.74
C MET A 342 26.50 8.42 3.20
N ILE A 343 27.52 7.78 2.62
CA ILE A 343 27.91 6.48 3.11
C ILE A 343 28.41 6.56 4.56
N THR A 344 29.13 7.62 4.88
CA THR A 344 29.59 7.85 6.23
C THR A 344 28.43 8.00 7.19
N THR A 345 27.40 8.72 6.77
CA THR A 345 26.18 8.84 7.58
C THR A 345 25.49 7.50 7.86
N SER A 346 25.37 6.66 6.84
CA SER A 346 24.82 5.30 7.02
C SER A 346 25.69 4.43 7.94
N GLU A 347 26.99 4.53 7.80
CA GLU A 347 27.91 3.83 8.72
C GLU A 347 27.72 4.26 10.17
N GLU A 348 27.65 5.55 10.39
CA GLU A 348 27.50 6.08 11.73
C GLU A 348 26.18 5.60 12.35
N PHE A 349 25.16 5.50 11.51
CA PHE A 349 23.88 4.97 11.94
C PHE A 349 24.02 3.54 12.44
N ASN A 350 24.62 2.70 11.62
CA ASN A 350 24.83 1.31 12.02
C ASN A 350 25.81 1.14 13.20
N LYS A 351 26.83 1.98 13.28
CA LYS A 351 27.65 2.01 14.48
C LYS A 351 26.84 2.30 15.73
N SER A 352 25.91 3.27 15.64
CA SER A 352 25.07 3.64 16.78
C SER A 352 24.20 2.49 17.23
N LEU A 353 23.78 1.66 16.28
CA LEU A 353 23.01 0.44 16.57
C LEU A 353 23.91 -0.73 16.99
N GLY A 354 25.22 -0.59 16.84
CA GLY A 354 26.17 -1.63 17.18
C GLY A 354 26.16 -2.84 16.24
N LEU A 355 25.91 -2.62 14.95
CA LEU A 355 25.75 -3.73 14.00
C LEU A 355 27.06 -3.82 13.21
N PRO A 356 27.71 -5.00 13.28
CA PRO A 356 28.92 -5.15 12.54
C PRO A 356 28.66 -5.20 11.01
N TYR A 357 29.62 -4.74 10.22
CA TYR A 357 29.42 -4.59 8.77
C TYR A 357 30.71 -4.40 8.00
N ARG A 358 30.57 -4.54 6.70
CA ARG A 358 31.57 -4.05 5.77
C ARG A 358 30.91 -3.14 4.74
N VAL A 359 31.71 -2.18 4.23
CA VAL A 359 31.30 -1.32 3.13
C VAL A 359 32.04 -1.79 1.90
N VAL A 360 31.30 -2.07 0.85
CA VAL A 360 31.92 -2.46 -0.40
C VAL A 360 31.64 -1.45 -1.51
N ASN A 361 32.60 -1.37 -2.43
CA ASN A 361 32.54 -0.59 -3.65
C ASN A 361 32.09 -1.55 -4.75
N ILE A 362 30.93 -1.28 -5.35
CA ILE A 362 30.28 -2.23 -6.27
C ILE A 362 30.94 -2.22 -7.64
N CYS A 363 31.27 -3.41 -8.15
CA CYS A 363 31.99 -3.52 -9.41
C CYS A 363 31.21 -3.04 -10.63
N SER A 364 31.96 -2.72 -11.67
CA SER A 364 31.43 -2.05 -12.85
C SER A 364 30.31 -2.86 -13.55
N GLY A 365 30.50 -4.17 -13.64
CA GLY A 365 29.53 -5.05 -14.30
C GLY A 365 28.20 -5.16 -13.56
N ALA A 366 28.18 -4.87 -12.26
CA ALA A 366 26.96 -5.02 -11.46
C ALA A 366 26.21 -3.70 -11.26
N LEU A 367 26.88 -2.56 -11.47
CA LEU A 367 26.24 -1.26 -11.28
C LEU A 367 25.08 -1.12 -12.23
N ASN A 368 23.98 -0.58 -11.73
CA ASN A 368 22.87 -0.16 -12.61
C ASN A 368 23.26 1.04 -13.47
N ASN A 369 22.47 1.28 -14.50
CA ASN A 369 22.76 2.33 -15.44
C ASN A 369 22.90 3.73 -14.86
N ALA A 370 22.08 4.09 -13.88
CA ALA A 370 22.05 5.43 -13.34
C ALA A 370 23.29 5.77 -12.52
N ALA A 371 23.84 4.76 -11.86
CA ALA A 371 24.93 4.95 -10.89
C ALA A 371 26.30 5.09 -11.58
N ALA A 372 27.02 6.15 -11.21
CA ALA A 372 28.41 6.33 -11.63
C ALA A 372 29.33 5.61 -10.62
N LYS A 373 28.83 5.41 -9.41
CA LYS A 373 29.52 4.67 -8.37
C LYS A 373 28.47 4.30 -7.33
N LYS A 374 28.66 3.17 -6.65
CA LYS A 374 27.73 2.72 -5.61
C LYS A 374 28.51 2.05 -4.48
N TYR A 375 28.25 2.45 -3.25
CA TYR A 375 28.71 1.77 -2.04
C TYR A 375 27.53 0.97 -1.44
N ASP A 376 27.76 -0.29 -1.09
CA ASP A 376 26.81 -1.05 -0.26
C ASP A 376 27.38 -1.23 1.14
N LEU A 377 26.54 -1.03 2.14
CA LEU A 377 26.88 -1.45 3.50
C LEU A 377 26.21 -2.76 3.72
N GLU A 378 27.01 -3.80 3.90
CA GLU A 378 26.53 -5.15 4.07
C GLU A 378 26.77 -5.56 5.53
N ALA A 379 25.70 -5.70 6.31
CA ALA A 379 25.83 -6.04 7.74
C ALA A 379 26.19 -7.50 7.89
N TRP A 380 26.90 -7.85 8.96
CA TRP A 380 27.22 -9.24 9.24
C TRP A 380 26.08 -9.87 10.06
N PHE A 381 25.51 -10.95 9.55
CA PHE A 381 24.45 -11.72 10.24
C PHE A 381 25.08 -12.94 10.89
N PRO A 382 25.28 -12.89 12.22
CA PRO A 382 26.10 -13.92 12.91
C PRO A 382 25.50 -15.31 13.03
N ALA A 383 24.17 -15.45 13.02
CA ALA A 383 23.53 -16.81 13.09
C ALA A 383 23.54 -17.37 11.71
N SER A 384 23.13 -16.52 10.76
CA SER A 384 23.11 -16.86 9.35
C SER A 384 24.52 -17.10 8.82
N GLY A 385 25.51 -16.40 9.36
CA GLY A 385 26.88 -16.43 8.84
C GLY A 385 27.09 -15.77 7.48
N ALA A 386 26.51 -14.60 7.24
CA ALA A 386 26.62 -13.95 5.93
C ALA A 386 26.58 -12.44 6.05
N PHE A 387 27.22 -11.78 5.09
CA PHE A 387 27.10 -10.34 4.87
C PHE A 387 25.87 -10.15 4.01
N ARG A 388 24.98 -9.26 4.41
CA ARG A 388 23.73 -8.99 3.69
CA ARG A 388 23.76 -9.00 3.65
C ARG A 388 23.55 -7.51 3.57
N GLU A 389 23.21 -7.03 2.38
CA GLU A 389 23.01 -5.64 2.11
C GLU A 389 21.93 -5.03 2.96
N LEU A 390 22.29 -4.01 3.72
CA LEU A 390 21.30 -3.19 4.43
C LEU A 390 21.07 -1.84 3.78
N VAL A 391 22.09 -1.36 3.08
CA VAL A 391 22.15 0.03 2.62
C VAL A 391 22.90 0.05 1.32
N SER A 392 22.43 0.83 0.36
CA SER A 392 23.27 1.26 -0.76
C SER A 392 23.16 2.75 -0.97
N CYS A 393 24.30 3.35 -1.31
CA CYS A 393 24.47 4.77 -1.61
C CYS A 393 25.07 4.93 -3.00
N SER A 394 24.45 5.75 -3.82
CA SER A 394 24.77 5.90 -5.23
C SER A 394 24.97 7.37 -5.56
N ASN A 395 26.03 7.72 -6.29
CA ASN A 395 26.07 9.00 -6.99
C ASN A 395 25.55 8.76 -8.39
N CYS A 396 24.39 9.33 -8.74
CA CYS A 396 23.89 9.22 -10.11
C CYS A 396 24.23 10.46 -11.00
N THR A 397 25.11 11.32 -10.53
CA THR A 397 25.44 12.59 -11.19
C THR A 397 24.23 13.23 -11.88
N ASP A 398 24.26 13.39 -13.20
CA ASP A 398 23.15 14.03 -13.93
C ASP A 398 22.25 13.05 -14.69
N TYR A 399 22.33 11.78 -14.37
CA TYR A 399 21.52 10.79 -15.07
C TYR A 399 20.04 11.03 -14.89
N GLN A 400 19.58 11.09 -13.63
CA GLN A 400 18.17 11.38 -13.38
C GLN A 400 17.84 12.83 -13.69
N SER A 401 18.68 13.76 -13.29
CA SER A 401 18.31 15.16 -13.34
C SER A 401 18.12 15.60 -14.79
N GLN A 402 18.96 15.10 -15.68
CA GLN A 402 18.77 15.38 -17.10
C GLN A 402 17.48 14.74 -17.66
N SER A 403 17.14 13.55 -17.16
CA SER A 403 15.88 12.88 -17.54
C SER A 403 14.65 13.65 -17.03
N VAL A 404 14.74 14.22 -15.83
CA VAL A 404 13.61 15.01 -15.33
C VAL A 404 13.74 16.49 -15.68
N ASN A 405 14.84 16.85 -16.32
CA ASN A 405 15.11 18.24 -16.73
C ASN A 405 15.20 19.14 -15.49
N CYS A 406 16.07 18.77 -14.55
CA CYS A 406 16.33 19.58 -13.38
C CYS A 406 17.62 20.35 -13.66
N ARG A 407 17.46 21.57 -14.16
CA ARG A 407 18.60 22.35 -14.67
C ARG A 407 19.40 23.06 -13.58
N TYR A 408 20.62 23.40 -13.92
CA TYR A 408 21.46 24.18 -13.03
C TYR A 408 22.13 25.31 -13.78
N GLY A 409 22.39 26.38 -13.05
CA GLY A 409 23.29 27.43 -13.49
C GLY A 409 22.58 28.52 -14.25
N PRO A 410 23.31 29.19 -15.14
CA PRO A 410 22.71 30.19 -16.03
C PRO A 410 22.31 29.59 -17.41
N ASN A 411 21.41 30.28 -18.11
CA ASN A 411 20.93 29.79 -19.42
C ASN A 411 21.88 30.11 -20.58
N LEU A 412 21.86 29.24 -21.60
CA LEU A 412 22.59 29.47 -22.88
C LEU A 412 22.48 30.89 -23.42
N ARG A 413 21.29 31.47 -23.29
CA ARG A 413 20.99 32.83 -23.82
C ARG A 413 21.64 33.93 -22.96
N GLY A 414 21.94 35.09 -23.57
CA GLY A 414 22.39 36.27 -22.84
C GLY A 414 23.85 36.24 -22.44
N THR A 415 24.18 35.33 -21.52
CA THR A 415 25.57 35.08 -21.11
C THR A 415 26.32 34.35 -22.24
N ALA A 416 27.39 34.98 -22.72
CA ALA A 416 28.24 34.40 -23.78
C ALA A 416 29.01 33.14 -23.33
N ALA A 417 29.27 33.03 -22.03
CA ALA A 417 30.07 31.93 -21.48
C ALA A 417 29.38 30.55 -21.52
N GLN A 418 28.07 30.48 -21.28
CA GLN A 418 27.36 29.18 -21.24
C GLN A 418 27.09 28.65 -22.67
N ASN A 419 27.71 27.50 -22.97
CA ASN A 419 27.45 26.76 -24.22
C ASN A 419 26.68 25.47 -23.95
N VAL A 420 26.97 24.82 -22.83
CA VAL A 420 26.37 23.54 -22.50
C VAL A 420 25.18 23.75 -21.55
N LYS A 421 24.14 22.93 -21.70
CA LYS A 421 23.09 22.88 -20.71
C LYS A 421 23.65 22.12 -19.51
N GLU A 422 23.65 22.79 -18.34
CA GLU A 422 23.99 22.12 -17.08
C GLU A 422 22.75 21.69 -16.30
N TYR A 423 22.94 20.60 -15.57
CA TYR A 423 21.90 19.91 -14.83
C TYR A 423 22.44 19.66 -13.43
N CYS A 424 21.53 19.60 -12.45
CA CYS A 424 21.93 19.31 -11.07
C CYS A 424 22.49 17.88 -10.99
N HIS A 425 23.28 17.60 -9.96
CA HIS A 425 23.67 16.21 -9.64
C HIS A 425 22.73 15.74 -8.52
N MET A 426 22.40 14.45 -8.56
CA MET A 426 21.50 13.81 -7.63
C MET A 426 22.14 12.54 -7.09
N LEU A 427 22.02 12.32 -5.78
CA LEU A 427 22.50 11.12 -5.14
C LEU A 427 21.37 10.54 -4.29
N ASN A 428 21.40 9.24 -4.04
CA ASN A 428 20.47 8.67 -3.10
C ASN A 428 21.13 7.53 -2.37
N GLY A 429 20.63 7.25 -1.20
CA GLY A 429 21.22 6.26 -0.32
C GLY A 429 20.27 5.90 0.80
N THR A 430 20.20 4.62 1.13
CA THR A 430 19.37 4.20 2.22
C THR A 430 19.96 4.66 3.50
N LEU A 431 19.12 5.10 4.45
CA LEU A 431 19.58 5.26 5.82
C LEU A 431 19.19 4.00 6.59
N CYS A 432 17.90 3.67 6.60
CA CYS A 432 17.47 2.44 7.24
C CYS A 432 16.33 1.77 6.46
N ALA A 433 16.57 0.54 6.01
CA ALA A 433 15.52 -0.33 5.44
C ALA A 433 15.04 -1.15 6.66
N ILE A 434 13.86 -0.80 7.15
CA ILE A 434 13.46 -1.12 8.52
C ILE A 434 13.40 -2.65 8.82
N THR A 435 12.83 -3.43 7.93
CA THR A 435 12.70 -4.86 8.21
C THR A 435 14.04 -5.55 8.16
N ARG A 436 14.90 -5.16 7.21
CA ARG A 436 16.21 -5.76 7.09
C ARG A 436 17.01 -5.45 8.34
N THR A 437 16.95 -4.19 8.77
CA THR A 437 17.59 -3.78 10.01
C THR A 437 17.00 -4.51 11.23
N MET A 438 15.71 -4.76 11.25
CA MET A 438 15.15 -5.50 12.40
C MET A 438 15.73 -6.91 12.43
N CYS A 439 15.86 -7.53 11.26
CA CYS A 439 16.41 -8.87 11.15
C CYS A 439 17.84 -8.91 11.69
N CYS A 440 18.62 -7.89 11.33
CA CYS A 440 20.03 -7.79 11.73
C CYS A 440 20.14 -7.60 13.24
N ILE A 441 19.30 -6.73 13.79
CA ILE A 441 19.26 -6.51 15.23
C ILE A 441 18.91 -7.78 15.99
N CYS A 442 17.92 -8.52 15.48
CA CYS A 442 17.49 -9.77 16.09
C CYS A 442 18.63 -10.75 16.21
N GLU A 443 19.40 -10.95 15.13
CA GLU A 443 20.49 -11.90 15.22
C GLU A 443 21.61 -11.40 16.16
N ASN A 444 21.94 -10.10 16.07
CA ASN A 444 23.06 -9.56 16.84
C ASN A 444 22.80 -9.35 18.32
N TYR A 445 21.55 -9.14 18.71
CA TYR A 445 21.19 -8.82 20.08
C TYR A 445 20.40 -9.92 20.80
N GLN A 446 20.31 -11.10 20.19
CA GLN A 446 19.61 -12.22 20.83
C GLN A 446 20.29 -12.68 22.10
N THR A 447 19.49 -13.21 23.03
CA THR A 447 20.01 -13.95 24.16
C THR A 447 19.12 -15.18 24.29
N GLU A 448 19.29 -15.94 25.36
CA GLU A 448 18.42 -17.08 25.66
C GLU A 448 16.98 -16.63 25.95
N GLU A 449 16.78 -15.39 26.37
CA GLU A 449 15.47 -14.91 26.82
C GLU A 449 14.69 -14.15 25.76
N GLY A 450 15.34 -13.74 24.68
CA GLY A 450 14.75 -12.75 23.77
C GLY A 450 15.73 -11.95 22.95
N VAL A 451 15.32 -10.76 22.55
CA VAL A 451 16.16 -9.84 21.84
C VAL A 451 16.34 -8.56 22.67
N VAL A 452 17.58 -8.27 23.07
CA VAL A 452 17.91 -7.03 23.76
C VAL A 452 17.72 -5.85 22.80
N ILE A 453 17.15 -4.75 23.28
CA ILE A 453 16.96 -3.59 22.41
C ILE A 453 18.25 -2.77 22.47
N PRO A 454 18.81 -2.44 21.28
CA PRO A 454 19.95 -1.51 21.24
C PRO A 454 19.68 -0.24 22.06
N ASP A 455 20.65 0.14 22.89
CA ASP A 455 20.53 1.31 23.79
C ASP A 455 19.87 2.52 23.16
N VAL A 456 20.35 2.95 22.00
CA VAL A 456 19.83 4.18 21.42
C VAL A 456 18.37 4.11 21.06
N LEU A 457 17.84 2.91 20.84
CA LEU A 457 16.43 2.77 20.47
C LEU A 457 15.48 2.73 21.65
N ARG A 458 15.98 2.46 22.85
CA ARG A 458 15.09 2.25 24.00
C ARG A 458 14.14 3.41 24.27
N PRO A 459 14.66 4.65 24.21
CA PRO A 459 13.77 5.79 24.49
C PRO A 459 12.73 5.98 23.37
N TYR A 460 12.97 5.39 22.21
CA TYR A 460 11.97 5.41 21.13
C TYR A 460 10.99 4.23 21.22
N MET A 461 11.15 3.36 22.22
CA MET A 461 10.10 2.34 22.50
C MET A 461 9.85 2.15 23.99
N MET A 462 9.36 3.23 24.60
CA MET A 462 8.88 3.23 25.97
C MET A 462 9.91 2.71 26.95
N GLY A 463 11.19 2.78 26.60
CA GLY A 463 12.27 2.39 27.52
C GLY A 463 12.46 0.89 27.63
N ILE A 464 11.89 0.14 26.69
CA ILE A 464 11.92 -1.29 26.77
C ILE A 464 13.34 -1.77 26.52
N GLU A 465 13.83 -2.67 27.39
CA GLU A 465 15.22 -3.15 27.35
C GLU A 465 15.40 -4.44 26.56
N MET A 466 14.30 -5.20 26.47
CA MET A 466 14.30 -6.52 25.86
C MET A 466 12.89 -6.90 25.43
N ILE A 467 12.76 -7.55 24.28
CA ILE A 467 11.47 -8.20 23.94
C ILE A 467 11.69 -9.69 24.07
N ARG A 468 10.74 -10.36 24.69
CA ARG A 468 11.03 -11.67 25.22
C ARG A 468 10.40 -12.75 24.37
N PHE A 469 11.03 -13.91 24.34
CA PHE A 469 10.44 -15.04 23.67
C PHE A 469 9.13 -15.40 24.34
N GLU A 470 8.20 -15.86 23.52
CA GLU A 470 6.89 -16.33 23.97
C GLU A 470 6.99 -17.47 25.00
N ASN A 471 7.90 -18.44 24.79
CA ASN A 471 7.96 -19.66 25.67
C ASN A 471 8.42 -19.34 27.10
N MET B 6 -29.68 -12.91 20.76
CA MET B 6 -29.79 -13.12 19.30
C MET B 6 -28.40 -13.39 18.70
N VAL B 7 -28.31 -14.41 17.86
CA VAL B 7 -27.13 -14.62 17.01
C VAL B 7 -27.56 -14.40 15.56
N LEU B 8 -27.25 -13.24 14.99
CA LEU B 8 -27.53 -12.97 13.58
C LEU B 8 -26.58 -13.79 12.67
N ASP B 9 -27.13 -14.82 12.06
CA ASP B 9 -26.53 -15.46 10.86
C ASP B 9 -27.76 -15.87 10.01
N ILE B 10 -27.56 -16.66 8.95
CA ILE B 10 -28.69 -17.03 8.10
C ILE B 10 -29.71 -17.81 8.95
N GLN B 11 -29.25 -18.47 10.00
CA GLN B 11 -30.15 -19.19 10.92
C GLN B 11 -31.25 -18.32 11.52
N LEU B 12 -30.97 -17.03 11.74
CA LEU B 12 -31.95 -16.10 12.30
C LEU B 12 -33.08 -15.81 11.31
N PHE B 13 -32.75 -15.72 10.01
CA PHE B 13 -33.75 -15.60 8.93
C PHE B 13 -34.71 -16.77 8.81
N ARG B 14 -34.27 -17.97 9.20
CA ARG B 14 -35.07 -19.20 9.03
C ARG B 14 -36.03 -19.43 10.18
N ASP B 15 -35.83 -18.68 11.27
CA ASP B 15 -36.68 -18.74 12.44
C ASP B 15 -37.65 -17.59 12.29
N GLU B 16 -38.93 -17.86 12.54
CA GLU B 16 -39.99 -16.87 12.35
C GLU B 16 -39.83 -15.64 13.20
N THR B 17 -39.52 -15.84 14.49
CA THR B 17 -39.32 -14.74 15.43
C THR B 17 -38.06 -13.96 15.04
N GLY B 18 -37.03 -14.67 14.61
CA GLY B 18 -35.83 -14.05 14.09
C GLY B 18 -36.08 -13.20 12.86
N ALA B 19 -36.85 -13.73 11.90
CA ALA B 19 -37.17 -12.95 10.70
C ALA B 19 -37.87 -11.62 11.06
N ASN B 20 -38.67 -11.66 12.11
CA ASN B 20 -39.38 -10.44 12.56
C ASN B 20 -38.45 -9.46 13.23
N ILE B 21 -37.44 -9.97 13.95
CA ILE B 21 -36.48 -9.08 14.61
C ILE B 21 -35.72 -8.31 13.52
N ILE B 22 -35.40 -9.00 12.43
CA ILE B 22 -34.69 -8.40 11.29
C ILE B 22 -35.57 -7.38 10.55
N ARG B 23 -36.82 -7.77 10.25
CA ARG B 23 -37.76 -6.86 9.59
C ARG B 23 -37.91 -5.59 10.40
N GLU B 24 -38.11 -5.71 11.71
CA GLU B 24 -38.15 -4.53 12.58
C GLU B 24 -36.89 -3.66 12.54
N SER B 25 -35.71 -4.29 12.58
CA SER B 25 -34.46 -3.55 12.53
C SER B 25 -34.35 -2.81 11.21
N GLN B 26 -34.76 -3.44 10.11
CA GLN B 26 -34.76 -2.78 8.80
C GLN B 26 -35.64 -1.53 8.81
N ARG B 27 -36.85 -1.66 9.38
CA ARG B 27 -37.76 -0.52 9.43
C ARG B 27 -37.19 0.59 10.33
N ARG B 28 -36.54 0.22 11.41
CA ARG B 28 -35.95 1.21 12.32
C ARG B 28 -34.77 1.91 11.66
N ARG B 29 -34.16 1.25 10.69
CA ARG B 29 -33.12 1.84 9.83
C ARG B 29 -33.64 2.60 8.60
N PHE B 30 -34.95 2.66 8.41
CA PHE B 30 -35.54 3.27 7.20
C PHE B 30 -34.98 2.58 5.95
N ALA B 31 -34.81 1.27 6.06
CA ALA B 31 -34.32 0.42 5.01
C ALA B 31 -35.42 -0.58 4.69
N ASP B 32 -35.19 -1.43 3.70
CA ASP B 32 -36.25 -2.28 3.15
C ASP B 32 -36.46 -3.55 3.96
N PRO B 33 -37.64 -3.72 4.58
CA PRO B 33 -37.91 -4.98 5.27
C PRO B 33 -38.25 -6.15 4.32
N ASP B 34 -38.81 -5.85 3.13
CA ASP B 34 -39.17 -6.90 2.14
C ASP B 34 -37.98 -7.73 1.70
N ILE B 35 -36.79 -7.15 1.81
CA ILE B 35 -35.58 -7.89 1.57
C ILE B 35 -35.65 -9.23 2.34
N VAL B 36 -36.15 -9.22 3.58
CA VAL B 36 -36.12 -10.42 4.41
C VAL B 36 -36.84 -11.60 3.73
N ASP B 37 -38.04 -11.38 3.21
CA ASP B 37 -38.76 -12.40 2.43
C ASP B 37 -37.95 -12.93 1.24
N ALA B 38 -37.11 -12.08 0.65
CA ALA B 38 -36.31 -12.44 -0.53
C ALA B 38 -35.16 -13.33 -0.13
N ILE B 39 -34.45 -12.93 0.92
CA ILE B 39 -33.40 -13.77 1.50
C ILE B 39 -33.95 -15.14 1.91
N ILE B 40 -35.11 -15.16 2.57
CA ILE B 40 -35.76 -16.42 2.96
C ILE B 40 -36.03 -17.30 1.72
N GLU B 41 -36.58 -16.70 0.67
CA GLU B 41 -36.94 -17.43 -0.54
C GLU B 41 -35.73 -17.89 -1.36
N ALA B 42 -34.72 -17.05 -1.52
CA ALA B 42 -33.49 -17.46 -2.19
C ALA B 42 -32.81 -18.57 -1.42
N ASP B 43 -32.71 -18.40 -0.11
CA ASP B 43 -32.17 -19.42 0.78
C ASP B 43 -32.93 -20.76 0.70
N LYS B 44 -34.26 -20.70 0.63
CA LYS B 44 -35.05 -21.92 0.46
C LYS B 44 -34.67 -22.66 -0.83
N LYS B 45 -34.60 -21.95 -1.95
CA LYS B 45 -34.13 -22.57 -3.21
C LYS B 45 -32.73 -23.17 -3.02
N TRP B 46 -31.84 -22.42 -2.37
CA TRP B 46 -30.48 -22.91 -2.12
C TRP B 46 -30.50 -24.19 -1.30
N ARG B 47 -31.23 -24.20 -0.18
CA ARG B 47 -31.29 -25.39 0.67
C ARG B 47 -31.82 -26.61 -0.06
N ARG B 48 -32.79 -26.41 -0.95
CA ARG B 48 -33.28 -27.49 -1.80
C ARG B 48 -32.16 -28.12 -2.64
N THR B 49 -31.27 -27.32 -3.22
CA THR B 49 -30.13 -27.87 -3.98
C THR B 49 -29.22 -28.73 -3.09
N GLN B 50 -29.08 -28.35 -1.82
CA GLN B 50 -28.24 -29.08 -0.87
C GLN B 50 -28.89 -30.38 -0.42
N PHE B 51 -30.21 -30.34 -0.21
CA PHE B 51 -30.95 -31.54 0.14
C PHE B 51 -30.80 -32.56 -0.98
N LEU B 52 -30.95 -32.12 -2.22
CA LEU B 52 -30.87 -33.07 -3.35
C LEU B 52 -29.44 -33.59 -3.49
N THR B 53 -28.45 -32.71 -3.40
CA THR B 53 -27.05 -33.09 -3.56
C THR B 53 -26.67 -34.18 -2.55
N GLU B 54 -27.03 -33.99 -1.28
CA GLU B 54 -26.74 -34.95 -0.22
CA GLU B 54 -26.65 -34.96 -0.28
C GLU B 54 -27.38 -36.28 -0.50
N ALA B 55 -28.67 -36.24 -0.89
CA ALA B 55 -29.39 -37.48 -1.21
C ALA B 55 -28.70 -38.21 -2.34
N SER B 56 -28.34 -37.47 -3.36
CA SER B 56 -27.77 -38.09 -4.57
C SER B 56 -26.35 -38.61 -4.36
N LYS B 57 -25.53 -37.88 -3.61
CA LYS B 57 -24.22 -38.40 -3.15
C LYS B 57 -24.34 -39.75 -2.44
N LYS B 58 -25.28 -39.89 -1.50
CA LYS B 58 -25.49 -41.19 -0.86
C LYS B 58 -25.90 -42.27 -1.84
N LEU B 59 -26.77 -41.94 -2.78
CA LEU B 59 -27.21 -42.92 -3.75
C LEU B 59 -26.08 -43.34 -4.67
N ILE B 60 -25.15 -42.45 -4.98
CA ILE B 60 -24.02 -42.84 -5.79
C ILE B 60 -23.17 -43.90 -5.05
N ASN B 61 -22.93 -43.74 -3.74
CA ASN B 61 -22.20 -44.76 -3.01
CA ASN B 61 -22.22 -44.75 -2.96
C ASN B 61 -22.97 -46.09 -2.93
N ILE B 62 -24.29 -46.01 -2.82
CA ILE B 62 -25.13 -47.21 -2.84
C ILE B 62 -25.02 -47.93 -4.20
N CYS B 63 -25.01 -47.18 -5.30
CA CYS B 63 -24.79 -47.77 -6.62
C CYS B 63 -23.47 -48.54 -6.69
N SER B 64 -22.38 -47.90 -6.27
CA SER B 64 -21.07 -48.54 -6.26
C SER B 64 -21.06 -49.82 -5.41
N LYS B 65 -21.58 -49.76 -4.20
CA LYS B 65 -21.63 -50.94 -3.32
C LYS B 65 -22.49 -52.06 -3.94
N ALA B 66 -23.61 -51.71 -4.55
CA ALA B 66 -24.49 -52.71 -5.19
C ALA B 66 -23.79 -53.37 -6.39
N VAL B 67 -23.13 -52.58 -7.24
CA VAL B 67 -22.33 -53.17 -8.32
C VAL B 67 -21.29 -54.10 -7.76
N GLY B 68 -20.57 -53.65 -6.73
CA GLY B 68 -19.52 -54.50 -6.10
C GLY B 68 -20.05 -55.85 -5.59
N ALA B 69 -21.19 -55.83 -4.92
CA ALA B 69 -21.80 -57.07 -4.42
C ALA B 69 -22.30 -57.95 -5.58
N LYS B 70 -22.88 -57.36 -6.59
CA LYS B 70 -23.33 -58.15 -7.75
C LYS B 70 -22.15 -58.78 -8.50
N LYS B 71 -21.09 -58.01 -8.70
CA LYS B 71 -19.89 -58.55 -9.35
C LYS B 71 -19.28 -59.68 -8.58
N LYS B 72 -19.22 -59.52 -7.26
CA LYS B 72 -18.72 -60.57 -6.39
C LYS B 72 -19.58 -61.84 -6.45
N ALA B 73 -20.90 -61.67 -6.56
CA ALA B 73 -21.83 -62.83 -6.65
C ALA B 73 -21.90 -63.39 -8.10
N LYS B 74 -21.28 -62.71 -9.07
CA LYS B 74 -21.34 -63.11 -10.48
C LYS B 74 -22.74 -63.02 -11.06
N GLU B 75 -23.54 -62.07 -10.60
CA GLU B 75 -24.81 -61.78 -11.21
C GLU B 75 -24.58 -61.26 -12.63
N ALA B 76 -25.36 -61.66 -13.61
CA ALA B 76 -25.16 -61.12 -14.97
C ALA B 76 -25.42 -59.61 -14.94
N ASP B 77 -24.72 -58.88 -15.81
CA ASP B 77 -24.78 -57.42 -15.87
C ASP B 77 -26.14 -56.87 -16.14
N GLY B 78 -26.92 -57.57 -16.96
CA GLY B 78 -28.32 -57.23 -17.19
C GLY B 78 -28.64 -56.95 -18.62
N ASP B 79 -29.92 -56.71 -18.89
CA ASP B 79 -30.45 -56.58 -20.24
C ASP B 79 -30.23 -55.20 -20.84
N THR B 80 -30.28 -54.17 -20.02
CA THR B 80 -30.22 -52.81 -20.51
C THR B 80 -29.75 -51.86 -19.43
N SER B 81 -29.22 -50.74 -19.86
CA SER B 81 -28.81 -49.68 -18.95
C SER B 81 -29.89 -48.62 -18.72
N GLU B 82 -30.98 -48.71 -19.46
CA GLU B 82 -32.02 -47.70 -19.43
C GLU B 82 -32.61 -47.56 -18.01
N ILE B 83 -32.68 -46.33 -17.55
CA ILE B 83 -33.21 -46.02 -16.23
C ILE B 83 -34.72 -45.83 -16.33
N PRO B 84 -35.49 -46.49 -15.45
CA PRO B 84 -36.95 -46.24 -15.43
C PRO B 84 -37.31 -44.76 -15.15
N PRO B 85 -38.26 -44.19 -15.90
CA PRO B 85 -38.71 -42.79 -15.64
C PRO B 85 -39.06 -42.46 -14.19
N GLN B 86 -39.66 -43.41 -13.45
CA GLN B 86 -40.00 -43.18 -12.04
C GLN B 86 -38.75 -43.04 -11.18
N VAL B 87 -37.68 -43.75 -11.54
CA VAL B 87 -36.43 -43.67 -10.83
C VAL B 87 -35.84 -42.27 -11.06
N LYS B 88 -35.84 -41.81 -12.30
CA LYS B 88 -35.37 -40.47 -12.61
C LYS B 88 -36.19 -39.40 -11.89
N GLU B 89 -37.52 -39.54 -11.91
CA GLU B 89 -38.36 -38.58 -11.20
C GLU B 89 -38.05 -38.56 -9.70
N ALA B 90 -37.79 -39.73 -9.15
CA ALA B 90 -37.59 -39.85 -7.72
C ALA B 90 -36.24 -39.19 -7.28
N TYR B 91 -35.15 -39.37 -8.04
CA TYR B 91 -33.93 -38.68 -7.67
C TYR B 91 -34.00 -37.16 -7.95
N GLU B 92 -34.82 -36.76 -8.92
CA GLU B 92 -35.00 -35.34 -9.19
C GLU B 92 -35.79 -34.70 -8.08
N ASN B 93 -36.52 -35.52 -7.31
CA ASN B 93 -37.34 -35.05 -6.19
C ASN B 93 -36.79 -35.39 -4.82
N GLY B 94 -35.67 -36.07 -4.77
CA GLY B 94 -35.07 -36.42 -3.50
C GLY B 94 -35.83 -37.50 -2.75
N THR B 95 -36.50 -38.41 -3.46
CA THR B 95 -37.26 -39.46 -2.82
C THR B 95 -36.85 -40.86 -3.27
N LEU B 96 -35.75 -40.98 -4.02
CA LEU B 96 -35.29 -42.27 -4.46
C LEU B 96 -34.64 -42.99 -3.27
N LYS B 97 -35.14 -44.19 -2.97
CA LYS B 97 -34.64 -44.97 -1.85
C LYS B 97 -33.64 -46.01 -2.28
N GLY B 98 -32.68 -46.27 -1.39
CA GLY B 98 -31.62 -47.24 -1.66
C GLY B 98 -32.18 -48.61 -2.01
N GLU B 99 -33.22 -49.06 -1.33
CA GLU B 99 -33.76 -50.40 -1.59
C GLU B 99 -34.31 -50.52 -3.04
N GLN B 100 -34.82 -49.43 -3.61
CA GLN B 100 -35.23 -49.44 -5.01
C GLN B 100 -34.01 -49.45 -5.93
N VAL B 101 -32.98 -48.66 -5.64
CA VAL B 101 -31.76 -48.68 -6.46
C VAL B 101 -31.19 -50.11 -6.51
N GLU B 102 -31.23 -50.82 -5.38
CA GLU B 102 -30.69 -52.17 -5.32
C GLU B 102 -31.48 -53.21 -6.16
N GLN B 103 -32.65 -52.83 -6.67
CA GLN B 103 -33.39 -53.67 -7.57
C GLN B 103 -32.89 -53.60 -9.01
N LEU B 104 -32.09 -52.59 -9.34
CA LEU B 104 -31.59 -52.40 -10.70
C LEU B 104 -30.47 -53.38 -11.02
N CYS B 105 -30.24 -53.65 -12.31
CA CYS B 105 -29.10 -54.42 -12.72
C CYS B 105 -27.82 -53.58 -12.74
N VAL B 106 -26.68 -54.27 -12.87
CA VAL B 106 -25.41 -53.60 -12.98
C VAL B 106 -25.36 -52.51 -14.06
N LEU B 107 -25.86 -52.81 -15.27
CA LEU B 107 -25.82 -51.79 -16.33
C LEU B 107 -26.59 -50.53 -15.95
N GLN B 108 -27.73 -50.72 -15.30
CA GLN B 108 -28.55 -49.62 -14.85
C GLN B 108 -27.90 -48.85 -13.71
N LEU B 109 -27.28 -49.57 -12.75
CA LEU B 109 -26.58 -48.95 -11.64
C LEU B 109 -25.42 -48.08 -12.09
N LYS B 110 -24.69 -48.54 -13.09
CA LYS B 110 -23.61 -47.77 -13.68
C LYS B 110 -24.15 -46.53 -14.38
N GLN B 111 -25.23 -46.67 -15.15
CA GLN B 111 -25.83 -45.52 -15.81
C GLN B 111 -26.37 -44.53 -14.79
N LEU B 112 -27.02 -45.04 -13.75
CA LEU B 112 -27.57 -44.18 -12.69
C LEU B 112 -26.46 -43.44 -11.95
N SER B 113 -25.34 -44.10 -11.66
CA SER B 113 -24.21 -43.46 -11.03
CA SER B 113 -24.25 -43.44 -10.99
C SER B 113 -23.77 -42.27 -11.85
N LYS B 114 -23.65 -42.46 -13.16
CA LYS B 114 -23.27 -41.37 -14.04
C LYS B 114 -24.31 -40.24 -14.02
N ASP B 115 -25.58 -40.62 -14.05
CA ASP B 115 -26.66 -39.64 -14.11
C ASP B 115 -26.76 -38.85 -12.81
N LEU B 116 -26.58 -39.53 -11.67
CA LEU B 116 -26.54 -38.83 -10.39
C LEU B 116 -25.34 -37.90 -10.25
N SER B 117 -24.20 -38.31 -10.81
CA SER B 117 -23.04 -37.45 -10.86
C SER B 117 -23.30 -36.22 -11.71
N ASP B 118 -23.98 -36.37 -12.85
CA ASP B 118 -24.33 -35.16 -13.62
C ASP B 118 -25.29 -34.29 -12.82
N GLN B 119 -26.25 -34.93 -12.13
CA GLN B 119 -27.22 -34.16 -11.37
C GLN B 119 -26.48 -33.34 -10.30
N VAL B 120 -25.50 -33.95 -9.60
CA VAL B 120 -24.75 -33.27 -8.55
C VAL B 120 -23.98 -32.08 -9.13
N ALA B 121 -23.39 -32.22 -10.33
CA ALA B 121 -22.69 -31.10 -10.99
C ALA B 121 -23.60 -29.94 -11.39
N GLY B 122 -24.79 -30.25 -11.91
CA GLY B 122 -25.75 -29.19 -12.26
C GLY B 122 -26.23 -28.49 -11.00
N LEU B 123 -26.49 -29.28 -9.96
CA LEU B 123 -26.94 -28.72 -8.67
C LEU B 123 -25.87 -27.82 -8.01
N ALA B 124 -24.59 -28.14 -8.21
CA ALA B 124 -23.50 -27.30 -7.63
C ALA B 124 -23.46 -25.92 -8.30
N LYS B 125 -23.72 -25.86 -9.61
CA LYS B 125 -23.82 -24.56 -10.31
C LYS B 125 -25.08 -23.78 -9.89
N GLU B 126 -26.19 -24.48 -9.69
CA GLU B 126 -27.40 -23.81 -9.21
C GLU B 126 -27.15 -23.26 -7.82
N ALA B 127 -26.56 -24.11 -6.97
CA ALA B 127 -26.22 -23.74 -5.61
C ALA B 127 -25.41 -22.45 -5.59
N GLN B 128 -24.34 -22.41 -6.37
CA GLN B 128 -23.51 -21.20 -6.50
C GLN B 128 -24.30 -19.96 -6.95
N GLN B 129 -25.08 -20.11 -8.03
CA GLN B 129 -25.88 -19.01 -8.59
C GLN B 129 -26.98 -18.56 -7.62
N LEU B 130 -27.43 -19.47 -6.75
CA LEU B 130 -28.37 -19.11 -5.68
C LEU B 130 -27.68 -18.40 -4.52
N GLU B 131 -26.41 -18.72 -4.27
CA GLU B 131 -25.64 -17.96 -3.27
C GLU B 131 -25.34 -16.51 -3.71
N GLU B 132 -24.98 -16.32 -4.97
CA GLU B 132 -24.74 -14.99 -5.53
C GLU B 132 -26.02 -14.16 -5.55
N GLU B 133 -27.11 -14.74 -6.06
CA GLU B 133 -28.41 -14.08 -6.07
C GLU B 133 -28.86 -13.77 -4.64
N ARG B 134 -28.49 -14.65 -3.70
CA ARG B 134 -28.81 -14.47 -2.28
C ARG B 134 -28.13 -13.25 -1.69
N ASP B 135 -26.80 -13.23 -1.71
CA ASP B 135 -26.01 -12.23 -0.96
C ASP B 135 -26.11 -10.83 -1.57
N LYS B 136 -26.19 -10.77 -2.90
CA LYS B 136 -26.61 -9.59 -3.69
C LYS B 136 -27.92 -8.97 -3.15
N LEU B 137 -28.87 -9.80 -2.73
CA LEU B 137 -30.09 -9.33 -2.03
C LEU B 137 -29.79 -9.01 -0.56
N MET B 138 -28.88 -9.75 0.09
CA MET B 138 -28.47 -9.44 1.48
CA MET B 138 -28.47 -9.44 1.48
C MET B 138 -27.65 -8.15 1.56
N LEU B 139 -26.99 -7.79 0.44
CA LEU B 139 -26.22 -6.53 0.36
C LEU B 139 -26.92 -5.41 1.10
N ASN B 140 -28.24 -5.38 0.99
CA ASN B 140 -29.00 -4.30 1.59
C ASN B 140 -29.53 -4.51 3.04
N VAL B 141 -29.09 -5.54 3.79
CA VAL B 141 -29.61 -5.69 5.20
C VAL B 141 -28.62 -5.34 6.32
N GLY B 142 -29.07 -4.48 7.22
CA GLY B 142 -28.26 -3.99 8.31
C GLY B 142 -28.24 -4.86 9.55
N ASN B 143 -27.20 -4.68 10.34
CA ASN B 143 -27.08 -5.34 11.61
C ASN B 143 -28.25 -4.96 12.48
N ILE B 144 -28.63 -5.86 13.37
CA ILE B 144 -29.71 -5.55 14.30
C ILE B 144 -29.31 -4.35 15.18
N LEU B 145 -30.10 -3.29 15.15
CA LEU B 145 -29.78 -2.04 15.84
C LEU B 145 -29.80 -2.25 17.32
N HIS B 146 -28.85 -1.65 18.04
CA HIS B 146 -28.93 -1.58 19.49
C HIS B 146 -30.14 -0.72 19.86
N GLU B 147 -30.71 -0.99 21.03
CA GLU B 147 -31.88 -0.29 21.55
C GLU B 147 -31.70 1.23 21.79
N SER B 148 -30.45 1.68 21.89
CA SER B 148 -30.12 3.06 22.22
C SER B 148 -29.85 3.93 20.99
N VAL B 149 -29.97 3.37 19.80
CA VAL B 149 -29.70 4.09 18.57
C VAL B 149 -30.85 5.04 18.29
N PRO B 150 -30.53 6.33 18.05
CA PRO B 150 -31.60 7.24 17.67
C PRO B 150 -32.22 6.85 16.34
N ILE B 151 -33.54 6.92 16.26
CA ILE B 151 -34.27 6.55 15.07
C ILE B 151 -34.56 7.80 14.22
N ALA B 152 -33.74 8.01 13.19
CA ALA B 152 -33.90 9.16 12.27
C ALA B 152 -33.14 8.85 10.98
N GLN B 153 -33.48 9.53 9.90
CA GLN B 153 -32.81 9.32 8.61
C GLN B 153 -31.58 10.18 8.42
N ASP B 154 -31.67 11.44 8.83
CA ASP B 154 -30.70 12.47 8.48
C ASP B 154 -29.77 12.84 9.63
N GLU B 155 -28.47 12.63 9.43
CA GLU B 155 -27.42 12.95 10.39
C GLU B 155 -27.47 14.36 10.96
N GLU B 156 -27.51 15.34 10.06
CA GLU B 156 -27.42 16.77 10.42
C GLU B 156 -28.40 17.21 11.53
N THR B 157 -29.51 16.50 11.69
CA THR B 157 -30.45 16.74 12.78
C THR B 157 -30.73 15.51 13.66
N GLY B 158 -30.47 14.31 13.13
CA GLY B 158 -30.85 13.06 13.81
C GLY B 158 -29.85 12.46 14.80
N ASN B 159 -28.57 12.83 14.68
CA ASN B 159 -27.58 12.34 15.63
C ASN B 159 -27.86 12.93 17.00
N THR B 160 -27.47 12.24 18.06
CA THR B 160 -27.61 12.75 19.42
C THR B 160 -26.23 13.11 19.91
N VAL B 161 -26.06 14.35 20.40
CA VAL B 161 -24.83 14.75 21.08
C VAL B 161 -24.87 14.14 22.48
N VAL B 162 -23.93 13.26 22.77
CA VAL B 162 -23.88 12.60 24.07
C VAL B 162 -23.11 13.40 25.11
N ARG B 163 -22.06 14.10 24.67
CA ARG B 163 -21.00 14.49 25.57
C ARG B 163 -20.11 15.51 24.83
N THR B 164 -19.57 16.49 25.54
CA THR B 164 -18.67 17.48 24.94
C THR B 164 -17.47 17.76 25.84
N PHE B 165 -16.37 18.16 25.24
CA PHE B 165 -15.16 18.49 25.97
C PHE B 165 -14.54 19.74 25.38
N GLY B 166 -14.11 20.64 26.26
CA GLY B 166 -13.28 21.77 25.87
C GLY B 166 -14.08 22.97 25.44
N ASN B 167 -13.39 24.00 24.98
CA ASN B 167 -14.06 25.21 24.56
C ASN B 167 -14.44 24.99 23.05
N THR B 168 -15.70 24.72 22.77
CA THR B 168 -16.14 24.38 21.40
C THR B 168 -16.82 25.54 20.72
N THR B 169 -16.68 26.73 21.31
CA THR B 169 -17.15 27.94 20.66
C THR B 169 -16.01 28.93 20.33
N LYS B 170 -14.80 28.74 20.82
CA LYS B 170 -13.71 29.67 20.48
C LYS B 170 -13.47 29.67 18.97
N ARG B 171 -13.03 30.81 18.45
CA ARG B 171 -12.70 30.97 17.04
C ARG B 171 -11.24 31.30 16.91
N ALA B 172 -10.72 31.14 15.70
CA ALA B 172 -9.32 31.35 15.43
C ALA B 172 -9.20 31.96 14.00
N LYS B 173 -8.02 32.48 13.69
CA LYS B 173 -7.86 33.26 12.47
C LYS B 173 -7.74 32.38 11.23
N LEU B 174 -6.75 31.50 11.18
CA LEU B 174 -6.44 30.78 9.94
C LEU B 174 -6.87 29.31 9.96
N ASN B 175 -7.48 28.84 8.87
CA ASN B 175 -7.86 27.44 8.76
C ASN B 175 -6.62 26.58 8.47
N HIS B 176 -6.77 25.27 8.54
CA HIS B 176 -5.62 24.38 8.47
C HIS B 176 -4.92 24.46 7.12
N VAL B 177 -5.68 24.76 6.06
CA VAL B 177 -5.10 24.88 4.74
C VAL B 177 -4.13 26.08 4.70
N SER B 178 -4.60 27.22 5.19
CA SER B 178 -3.83 28.45 5.20
C SER B 178 -2.59 28.28 6.08
N ILE B 179 -2.76 27.59 7.20
CA ILE B 179 -1.65 27.37 8.13
C ILE B 179 -0.53 26.54 7.55
N MET B 180 -0.90 25.41 6.95
CA MET B 180 0.08 24.51 6.36
C MET B 180 0.74 25.14 5.13
N GLU B 181 0.04 26.00 4.41
CA GLU B 181 0.65 26.80 3.35
C GLU B 181 1.75 27.74 3.92
N ARG B 182 1.41 28.50 4.94
CA ARG B 182 2.33 29.46 5.54
C ARG B 182 3.53 28.83 6.23
N LEU B 183 3.36 27.62 6.74
CA LEU B 183 4.48 26.84 7.26
C LEU B 183 5.49 26.47 6.18
N GLY B 184 5.09 26.45 4.90
CA GLY B 184 5.95 25.98 3.81
C GLY B 184 6.19 24.46 3.81
N MET B 185 5.36 23.72 4.54
CA MET B 185 5.65 22.30 4.84
C MET B 185 4.69 21.30 4.21
N MET B 186 3.78 21.80 3.37
CA MET B 186 2.81 20.98 2.68
C MET B 186 2.74 21.46 1.25
N ASP B 187 2.88 20.55 0.31
CA ASP B 187 2.78 20.94 -1.08
C ASP B 187 1.63 20.09 -1.66
N THR B 188 0.60 20.76 -2.16
CA THR B 188 -0.45 20.13 -2.92
C THR B 188 -0.63 20.80 -4.27
N SER B 189 0.40 21.51 -4.77
CA SER B 189 0.31 22.17 -6.06
C SER B 189 0.44 21.14 -7.20
N LYS B 190 0.48 21.65 -8.45
CA LYS B 190 0.70 20.81 -9.65
C LYS B 190 2.01 20.04 -9.69
N ALA B 191 3.03 20.56 -9.02
CA ALA B 191 4.29 19.84 -8.92
C ALA B 191 4.02 18.45 -8.34
N VAL B 192 3.04 18.35 -7.44
CA VAL B 192 2.72 17.07 -6.81
C VAL B 192 1.59 16.37 -7.57
N THR B 193 0.51 17.07 -7.86
CA THR B 193 -0.65 16.43 -8.52
C THR B 193 -0.38 15.99 -9.95
N SER B 194 0.56 16.61 -10.65
CA SER B 194 0.96 16.14 -11.97
C SER B 194 1.82 14.88 -11.89
N MET B 195 2.36 14.63 -10.71
CA MET B 195 3.16 13.45 -10.37
C MET B 195 2.28 12.24 -9.95
N ALA B 196 1.30 12.52 -9.10
CA ALA B 196 0.58 11.49 -8.33
C ALA B 196 -0.95 11.59 -8.38
N GLY B 197 -1.48 12.52 -9.18
CA GLY B 197 -2.92 12.73 -9.31
C GLY B 197 -3.56 13.64 -8.28
N GLY B 198 -4.86 13.85 -8.50
CA GLY B 198 -5.70 14.66 -7.61
C GLY B 198 -5.58 14.32 -6.15
N ARG B 199 -5.60 15.34 -5.30
CA ARG B 199 -5.54 15.19 -3.87
C ARG B 199 -4.29 14.45 -3.32
N SER B 200 -3.23 14.36 -4.12
CA SER B 200 -1.96 13.86 -3.61
C SER B 200 -1.26 15.01 -2.89
N TYR B 201 -0.34 14.68 -1.97
CA TYR B 201 0.39 15.72 -1.25
C TYR B 201 1.79 15.28 -0.90
N VAL B 202 2.66 16.27 -0.71
CA VAL B 202 3.97 16.06 -0.09
C VAL B 202 3.97 16.80 1.24
N LEU B 203 4.43 16.15 2.30
CA LEU B 203 4.68 16.82 3.57
C LEU B 203 6.19 16.92 3.76
N LYS B 204 6.61 18.05 4.32
CA LYS B 204 8.02 18.32 4.63
C LYS B 204 8.24 18.84 6.05
N GLY B 205 9.49 18.70 6.51
CA GLY B 205 9.99 19.49 7.66
C GLY B 205 9.23 19.11 8.93
N GLY B 206 8.79 20.12 9.68
CA GLY B 206 8.10 19.94 10.94
C GLY B 206 6.81 19.14 10.87
N LEU B 207 6.14 19.16 9.71
CA LEU B 207 4.90 18.45 9.58
C LEU B 207 5.13 16.95 9.49
N VAL B 208 6.21 16.50 8.85
CA VAL B 208 6.58 15.09 8.92
C VAL B 208 6.97 14.68 10.37
N GLN B 209 7.69 15.54 11.05
CA GLN B 209 8.06 15.27 12.43
C GLN B 209 6.80 15.15 13.32
N LEU B 210 5.80 16.00 13.04
CA LEU B 210 4.52 15.98 13.74
C LEU B 210 3.75 14.68 13.43
N GLN B 211 3.76 14.29 12.16
CA GLN B 211 3.10 13.07 11.72
C GLN B 211 3.67 11.83 12.41
N VAL B 212 4.99 11.73 12.46
CA VAL B 212 5.66 10.62 13.11
C VAL B 212 5.44 10.66 14.63
N ALA B 213 5.47 11.86 15.21
CA ALA B 213 5.20 12.03 16.64
C ALA B 213 3.79 11.46 16.97
N LEU B 214 2.80 11.77 16.14
CA LEU B 214 1.44 11.29 16.33
C LEU B 214 1.32 9.77 16.16
N VAL B 215 2.00 9.21 15.19
CA VAL B 215 2.04 7.72 15.04
C VAL B 215 2.61 7.05 16.28
N SER B 216 3.75 7.55 16.74
CA SER B 216 4.44 6.91 17.82
C SER B 216 3.71 7.10 19.15
N TYR B 217 3.20 8.30 19.41
CA TYR B 217 2.44 8.60 20.62
C TYR B 217 1.13 7.78 20.61
N SER B 218 0.45 7.71 19.48
CA SER B 218 -0.79 6.93 19.36
C SER B 218 -0.55 5.46 19.69
N LEU B 219 0.53 4.92 19.17
CA LEU B 219 0.86 3.52 19.42
C LEU B 219 1.12 3.30 20.90
N ASP B 220 1.95 4.16 21.50
CA ASP B 220 2.24 4.05 22.91
C ASP B 220 0.97 4.14 23.75
N PHE B 221 0.06 5.03 23.35
CA PHE B 221 -1.17 5.29 24.08
C PHE B 221 -2.00 4.01 24.22
N LEU B 222 -2.04 3.26 23.12
CA LEU B 222 -2.82 2.02 23.11
C LEU B 222 -2.04 0.89 23.76
N VAL B 223 -0.72 0.87 23.61
CA VAL B 223 0.11 -0.15 24.28
C VAL B 223 -0.11 -0.07 25.79
N LYS B 224 -0.11 1.17 26.32
CA LYS B 224 -0.34 1.38 27.75
C LYS B 224 -1.72 0.88 28.24
N ARG B 225 -2.68 0.75 27.33
CA ARG B 225 -4.05 0.33 27.65
C ARG B 225 -4.30 -1.13 27.27
N GLY B 226 -3.23 -1.86 27.02
CA GLY B 226 -3.26 -3.29 26.81
C GLY B 226 -3.59 -3.72 25.39
N TYR B 227 -3.46 -2.84 24.40
CA TYR B 227 -3.62 -3.24 23.01
C TYR B 227 -2.31 -3.82 22.47
N THR B 228 -2.44 -4.81 21.60
CA THR B 228 -1.31 -5.40 20.89
C THR B 228 -1.16 -4.73 19.54
N PRO B 229 -0.02 -4.07 19.33
CA PRO B 229 0.28 -3.53 18.01
C PRO B 229 0.14 -4.55 16.89
N PHE B 230 -0.36 -4.11 15.74
CA PHE B 230 -0.63 -4.99 14.60
C PHE B 230 -0.36 -4.20 13.32
N TYR B 231 0.70 -4.61 12.62
CA TYR B 231 1.11 -4.00 11.36
C TYR B 231 0.75 -4.97 10.25
N PRO B 232 -0.26 -4.65 9.43
CA PRO B 232 -0.79 -5.58 8.42
C PRO B 232 -0.14 -5.42 7.04
N PRO B 233 -0.34 -6.40 6.15
CA PRO B 233 -0.18 -6.11 4.73
C PRO B 233 -1.18 -5.04 4.29
N PHE B 234 -0.80 -4.20 3.33
CA PHE B 234 -1.66 -3.13 2.84
C PHE B 234 -2.44 -3.58 1.61
N PHE B 235 -2.31 -4.86 1.23
CA PHE B 235 -2.98 -5.46 0.07
C PHE B 235 -3.87 -6.55 0.60
N LEU B 236 -5.04 -6.75 -0.01
CA LEU B 236 -5.82 -7.99 0.16
C LEU B 236 -6.32 -8.50 -1.17
N ASN B 237 -6.24 -9.83 -1.36
CA ASN B 237 -6.81 -10.49 -2.55
C ASN B 237 -8.30 -10.20 -2.63
N ARG B 238 -8.85 -10.13 -3.84
CA ARG B 238 -10.31 -9.88 -4.06
C ARG B 238 -11.16 -10.82 -3.21
N ASP B 239 -10.88 -12.10 -3.34
CA ASP B 239 -11.55 -13.14 -2.58
C ASP B 239 -11.75 -12.70 -1.13
N VAL B 240 -10.64 -12.43 -0.45
CA VAL B 240 -10.68 -12.10 0.97
C VAL B 240 -11.25 -10.69 1.24
N MET B 241 -11.01 -9.76 0.31
CA MET B 241 -11.49 -8.39 0.51
C MET B 241 -13.02 -8.39 0.50
N GLY B 242 -13.62 -9.27 -0.31
CA GLY B 242 -15.09 -9.38 -0.38
C GLY B 242 -15.75 -9.85 0.91
N GLU B 243 -14.99 -10.50 1.79
CA GLU B 243 -15.53 -11.01 3.05
C GLU B 243 -15.55 -9.94 4.14
N VAL B 244 -14.69 -8.94 4.00
CA VAL B 244 -14.59 -7.89 5.00
C VAL B 244 -15.06 -6.51 4.49
N ALA B 245 -15.43 -6.41 3.22
CA ALA B 245 -15.98 -5.15 2.68
C ALA B 245 -17.31 -5.37 1.97
N GLN B 246 -18.09 -4.31 1.84
CA GLN B 246 -19.31 -4.33 1.03
C GLN B 246 -18.98 -4.08 -0.46
N LEU B 247 -19.85 -4.52 -1.38
CA LEU B 247 -19.69 -4.28 -2.85
C LEU B 247 -19.53 -2.80 -3.21
N SER B 248 -20.21 -1.93 -2.46
CA SER B 248 -20.13 -0.48 -2.66
C SER B 248 -18.76 0.11 -2.26
N GLN B 249 -17.99 -0.60 -1.42
CA GLN B 249 -16.61 -0.16 -1.13
C GLN B 249 -15.67 -0.42 -2.31
N PHE B 250 -15.88 -1.52 -3.05
CA PHE B 250 -15.06 -1.83 -4.24
C PHE B 250 -15.19 -0.76 -5.32
N ASP B 251 -16.43 -0.39 -5.60
CA ASP B 251 -16.70 0.59 -6.64
C ASP B 251 -16.24 1.99 -6.22
N GLU B 252 -16.46 2.36 -4.96
CA GLU B 252 -16.33 3.75 -4.55
C GLU B 252 -15.08 4.04 -3.77
N GLU B 253 -14.47 3.02 -3.19
CA GLU B 253 -13.42 3.30 -2.25
C GLU B 253 -12.07 2.64 -2.50
N LEU B 254 -12.03 1.50 -3.20
CA LEU B 254 -10.80 0.67 -3.15
C LEU B 254 -9.97 0.73 -4.43
N TYR B 255 -8.69 1.02 -4.31
CA TYR B 255 -7.79 0.89 -5.45
C TYR B 255 -7.47 -0.57 -5.73
N GLN B 256 -7.31 -0.92 -6.99
CA GLN B 256 -6.97 -2.27 -7.41
C GLN B 256 -5.49 -2.28 -7.73
N VAL B 257 -4.78 -3.31 -7.24
CA VAL B 257 -3.35 -3.45 -7.47
C VAL B 257 -3.10 -4.70 -8.29
N SER B 258 -2.22 -4.58 -9.27
CA SER B 258 -1.84 -5.77 -9.99
C SER B 258 -0.35 -5.79 -10.35
N GLY B 259 0.10 -6.99 -10.66
CA GLY B 259 1.39 -7.23 -11.33
C GLY B 259 1.84 -8.61 -10.88
N ASP B 260 2.18 -8.69 -9.60
CA ASP B 260 2.60 -9.93 -8.96
C ASP B 260 1.37 -10.74 -8.48
N GLY B 261 1.18 -11.90 -9.11
CA GLY B 261 0.11 -12.82 -8.71
C GLY B 261 -1.24 -12.43 -9.28
N ASP B 262 -2.29 -12.62 -8.48
CA ASP B 262 -3.64 -12.20 -8.87
C ASP B 262 -3.94 -10.79 -8.34
N LYS B 263 -5.04 -10.19 -8.80
CA LYS B 263 -5.40 -8.81 -8.43
C LYS B 263 -5.68 -8.67 -6.94
N LYS B 264 -5.28 -7.53 -6.39
CA LYS B 264 -5.47 -7.24 -4.99
C LYS B 264 -6.05 -5.86 -4.90
N TYR B 265 -6.49 -5.51 -3.70
CA TYR B 265 -7.01 -4.20 -3.39
C TYR B 265 -6.17 -3.62 -2.28
N LEU B 266 -5.89 -2.31 -2.38
CA LEU B 266 -5.22 -1.61 -1.27
C LEU B 266 -6.23 -1.43 -0.16
N ILE B 267 -5.77 -1.50 1.08
CA ILE B 267 -6.67 -1.41 2.22
C ILE B 267 -7.09 0.05 2.45
N ALA B 268 -8.34 0.26 2.89
CA ALA B 268 -8.85 1.60 3.24
C ALA B 268 -8.78 1.80 4.75
N THR B 269 -8.51 0.74 5.49
CA THR B 269 -8.42 0.80 6.95
C THR B 269 -7.77 -0.49 7.40
N SER B 270 -7.03 -0.45 8.50
CA SER B 270 -6.41 -1.67 9.04
C SER B 270 -7.47 -2.60 9.60
N GLU B 271 -8.68 -2.09 9.83
CA GLU B 271 -9.81 -2.97 10.20
C GLU B 271 -10.02 -4.11 9.20
N MET B 272 -9.75 -3.85 7.93
CA MET B 272 -9.98 -4.85 6.91
C MET B 272 -9.03 -6.08 7.09
N PRO B 273 -7.71 -5.88 7.04
CA PRO B 273 -6.82 -7.06 7.23
C PRO B 273 -6.90 -7.65 8.65
N ILE B 274 -7.23 -6.87 9.67
CA ILE B 274 -7.34 -7.42 11.02
C ILE B 274 -8.56 -8.38 11.06
N ALA B 275 -9.70 -7.94 10.55
CA ALA B 275 -10.87 -8.83 10.43
C ALA B 275 -10.53 -10.08 9.64
N ALA B 276 -9.93 -9.87 8.48
CA ALA B 276 -9.62 -10.96 7.58
C ALA B 276 -8.67 -11.99 8.24
N TYR B 277 -7.77 -11.49 9.10
CA TYR B 277 -6.81 -12.32 9.77
C TYR B 277 -7.49 -13.32 10.74
N HIS B 278 -8.70 -13.00 11.19
CA HIS B 278 -9.49 -13.90 12.06
C HIS B 278 -10.38 -14.89 11.31
N ARG B 279 -10.25 -14.94 9.99
CA ARG B 279 -11.16 -15.77 9.24
C ARG B 279 -10.89 -17.24 9.54
N GLY B 280 -11.95 -17.98 9.75
CA GLY B 280 -11.88 -19.40 10.09
C GLY B 280 -11.42 -19.68 11.51
N ARG B 281 -11.11 -18.66 12.30
CA ARG B 281 -10.70 -18.93 13.67
C ARG B 281 -11.88 -19.36 14.56
N TRP B 282 -11.57 -19.96 15.71
CA TRP B 282 -12.58 -20.47 16.63
C TRP B 282 -11.97 -20.29 18.04
N PHE B 283 -12.53 -19.36 18.79
CA PHE B 283 -12.10 -19.05 20.14
C PHE B 283 -13.09 -19.70 21.05
N THR B 284 -12.61 -20.64 21.85
CA THR B 284 -13.54 -21.42 22.62
C THR B 284 -13.99 -20.56 23.78
N GLU B 285 -13.05 -19.80 24.34
CA GLU B 285 -13.35 -18.89 25.43
C GLU B 285 -12.49 -17.67 25.22
N LEU B 286 -13.05 -16.49 25.53
CA LEU B 286 -12.28 -15.25 25.48
C LEU B 286 -12.45 -14.52 26.81
N LYS B 287 -11.84 -15.08 27.86
CA LYS B 287 -11.94 -14.52 29.20
C LYS B 287 -11.45 -13.08 29.18
N GLU B 288 -10.35 -12.84 28.48
CA GLU B 288 -9.95 -11.49 28.08
C GLU B 288 -10.19 -11.31 26.58
N PRO B 289 -10.61 -10.11 26.16
CA PRO B 289 -10.76 -9.88 24.74
C PRO B 289 -9.41 -9.78 23.99
N LEU B 290 -9.42 -9.97 22.68
CA LEU B 290 -8.27 -9.69 21.85
C LEU B 290 -8.37 -8.21 21.48
N LYS B 291 -7.34 -7.44 21.82
CA LYS B 291 -7.30 -6.03 21.53
C LYS B 291 -6.06 -5.69 20.69
N TYR B 292 -6.31 -5.11 19.51
CA TYR B 292 -5.26 -4.78 18.59
C TYR B 292 -5.20 -3.30 18.31
N ALA B 293 -3.99 -2.78 18.24
CA ALA B 293 -3.73 -1.42 17.80
C ALA B 293 -3.23 -1.51 16.35
N GLY B 294 -4.14 -1.37 15.40
CA GLY B 294 -3.81 -1.46 13.99
C GLY B 294 -3.05 -0.23 13.54
N MET B 295 -1.94 -0.46 12.84
CA MET B 295 -1.09 0.64 12.36
CA MET B 295 -1.04 0.60 12.39
C MET B 295 -0.85 0.46 10.89
N SER B 296 -1.31 1.41 10.10
CA SER B 296 -1.15 1.28 8.67
C SER B 296 -1.30 2.56 7.92
N THR B 297 -0.78 2.56 6.70
CA THR B 297 -1.21 3.57 5.72
C THR B 297 -2.53 3.08 5.11
N CYS B 298 -3.46 4.00 4.91
CA CYS B 298 -4.76 3.71 4.33
C CYS B 298 -4.90 4.41 2.99
N PHE B 299 -5.65 3.78 2.09
CA PHE B 299 -5.86 4.30 0.73
C PHE B 299 -7.33 4.28 0.37
N ARG B 300 -7.86 5.44 0.00
CA ARG B 300 -9.27 5.57 -0.36
C ARG B 300 -9.40 6.32 -1.66
N LYS B 301 -10.08 5.71 -2.61
CA LYS B 301 -10.32 6.32 -3.91
C LYS B 301 -11.21 7.54 -3.83
N GLU B 302 -12.11 7.59 -2.85
CA GLU B 302 -13.01 8.72 -2.61
C GLU B 302 -13.89 9.00 -3.80
N ALA B 303 -14.71 8.03 -4.19
CA ALA B 303 -15.62 8.21 -5.34
C ALA B 303 -17.08 8.01 -4.92
N LEU B 311 -10.02 20.54 0.32
CA LEU B 311 -8.70 21.18 0.19
C LEU B 311 -7.74 20.75 1.33
N GLY B 312 -6.45 21.04 1.13
CA GLY B 312 -5.42 20.66 2.08
C GLY B 312 -5.34 19.15 2.24
N ILE B 313 -5.03 18.69 3.44
CA ILE B 313 -4.85 17.27 3.64
C ILE B 313 -5.93 16.65 4.52
N PHE B 314 -7.05 17.33 4.68
CA PHE B 314 -8.12 16.78 5.47
C PHE B 314 -8.73 15.52 4.84
N ARG B 315 -9.01 15.54 3.55
CA ARG B 315 -9.63 14.41 2.85
C ARG B 315 -8.73 14.04 1.70
N VAL B 316 -7.91 13.03 1.90
CA VAL B 316 -6.89 12.71 0.93
C VAL B 316 -6.97 11.24 0.64
N HIS B 317 -6.36 10.82 -0.46
CA HIS B 317 -6.36 9.40 -0.83
C HIS B 317 -5.47 8.49 0.05
N GLN B 318 -4.40 9.05 0.63
CA GLN B 318 -3.39 8.28 1.33
C GLN B 318 -3.17 8.92 2.70
N PHE B 319 -3.28 8.14 3.76
CA PHE B 319 -3.08 8.69 5.10
C PHE B 319 -2.81 7.58 6.08
N ASP B 320 -2.04 7.93 7.12
CA ASP B 320 -1.74 7.04 8.22
C ASP B 320 -2.87 7.02 9.22
N LYS B 321 -3.10 5.85 9.76
CA LYS B 321 -4.09 5.75 10.77
C LYS B 321 -3.72 4.72 11.82
N ILE B 322 -4.11 5.03 13.04
CA ILE B 322 -4.03 4.08 14.14
C ILE B 322 -5.44 3.74 14.56
N GLU B 323 -5.74 2.44 14.60
CA GLU B 323 -7.06 1.96 14.93
C GLU B 323 -7.11 1.01 16.06
N GLN B 324 -8.28 0.97 16.69
CA GLN B 324 -8.60 0.02 17.73
C GLN B 324 -9.45 -1.07 17.10
N PHE B 325 -9.12 -2.31 17.42
CA PHE B 325 -9.88 -3.45 16.95
C PHE B 325 -9.99 -4.45 18.08
N VAL B 326 -11.22 -4.86 18.41
CA VAL B 326 -11.49 -5.77 19.52
C VAL B 326 -12.29 -7.01 19.05
N VAL B 327 -11.85 -8.19 19.47
CA VAL B 327 -12.58 -9.45 19.26
C VAL B 327 -12.95 -9.91 20.66
N CYS B 328 -14.24 -10.10 20.92
CA CYS B 328 -14.66 -10.51 22.24
C CYS B 328 -15.76 -11.55 22.24
N SER B 329 -16.04 -12.05 23.43
CA SER B 329 -17.14 -12.96 23.66
C SER B 329 -18.47 -12.31 23.22
N PRO B 330 -19.37 -13.08 22.56
CA PRO B 330 -20.71 -12.59 22.24
C PRO B 330 -21.72 -12.64 23.40
N ARG B 331 -21.27 -13.04 24.60
CA ARG B 331 -22.15 -13.30 25.73
C ARG B 331 -22.18 -12.16 26.76
N GLN B 332 -23.30 -12.09 27.49
CA GLN B 332 -23.45 -11.16 28.61
C GLN B 332 -23.21 -9.70 28.22
N GLU B 333 -23.50 -9.36 26.95
CA GLU B 333 -23.41 -7.99 26.46
C GLU B 333 -22.02 -7.42 26.63
N GLU B 334 -21.01 -8.29 26.65
CA GLU B 334 -19.65 -7.82 26.87
C GLU B 334 -19.24 -6.82 25.78
N SER B 335 -19.66 -7.04 24.53
CA SER B 335 -19.22 -6.12 23.47
C SER B 335 -19.71 -4.68 23.68
N TRP B 336 -20.86 -4.52 24.37
CA TRP B 336 -21.39 -3.18 24.69
C TRP B 336 -20.47 -2.45 25.69
N ARG B 337 -19.96 -3.21 26.67
CA ARG B 337 -18.95 -2.68 27.56
C ARG B 337 -17.66 -2.21 26.81
N HIS B 338 -17.16 -3.01 25.87
CA HIS B 338 -15.99 -2.62 25.08
C HIS B 338 -16.25 -1.40 24.20
N LEU B 339 -17.45 -1.27 23.64
CA LEU B 339 -17.76 -0.07 22.86
C LEU B 339 -17.59 1.17 23.74
N GLU B 340 -18.13 1.12 24.95
CA GLU B 340 -17.96 2.23 25.89
C GLU B 340 -16.49 2.55 26.21
N ASP B 341 -15.66 1.53 26.46
CA ASP B 341 -14.23 1.74 26.73
C ASP B 341 -13.52 2.29 25.51
N MET B 342 -13.91 1.84 24.32
CA MET B 342 -13.23 2.26 23.09
C MET B 342 -13.45 3.74 22.77
N ILE B 343 -14.69 4.20 22.85
CA ILE B 343 -14.97 5.60 22.64
C ILE B 343 -14.30 6.43 23.73
N THR B 344 -14.24 5.89 24.95
CA THR B 344 -13.63 6.60 26.07
C THR B 344 -12.12 6.71 25.84
N THR B 345 -11.50 5.67 25.33
CA THR B 345 -10.08 5.74 24.95
C THR B 345 -9.79 6.82 23.90
N SER B 346 -10.61 6.89 22.86
CA SER B 346 -10.45 7.91 21.85
C SER B 346 -10.62 9.33 22.41
N GLU B 347 -11.56 9.48 23.34
CA GLU B 347 -11.80 10.74 24.03
C GLU B 347 -10.60 11.16 24.86
N GLU B 348 -10.07 10.23 25.64
CA GLU B 348 -8.90 10.54 26.48
C GLU B 348 -7.70 10.93 25.57
N PHE B 349 -7.55 10.27 24.42
CA PHE B 349 -6.55 10.59 23.46
C PHE B 349 -6.67 12.07 23.06
N ASN B 350 -7.85 12.47 22.64
CA ASN B 350 -8.07 13.87 22.26
C ASN B 350 -7.97 14.86 23.44
N LYS B 351 -8.46 14.48 24.61
CA LYS B 351 -8.17 15.28 25.80
C LYS B 351 -6.68 15.44 26.03
N SER B 352 -5.92 14.37 25.88
CA SER B 352 -4.48 14.46 26.09
C SER B 352 -3.84 15.45 25.09
N LEU B 353 -4.42 15.59 23.91
CA LEU B 353 -3.89 16.52 22.89
C LEU B 353 -4.43 17.93 23.05
N GLY B 354 -5.37 18.08 23.97
CA GLY B 354 -5.98 19.37 24.24
C GLY B 354 -6.95 19.79 23.14
N LEU B 355 -7.58 18.84 22.46
CA LEU B 355 -8.51 19.20 21.36
C LEU B 355 -9.94 19.13 21.82
N PRO B 356 -10.73 20.19 21.58
CA PRO B 356 -12.12 20.14 21.95
C PRO B 356 -12.89 19.31 20.98
N TYR B 357 -13.98 18.74 21.46
CA TYR B 357 -14.77 17.85 20.64
C TYR B 357 -16.17 17.62 21.23
N ARG B 358 -17.01 16.98 20.45
CA ARG B 358 -18.26 16.38 20.98
C ARG B 358 -18.31 14.93 20.53
N VAL B 359 -19.04 14.10 21.27
CA VAL B 359 -19.30 12.71 20.91
C VAL B 359 -20.78 12.61 20.50
N VAL B 360 -21.03 11.98 19.37
CA VAL B 360 -22.38 11.84 18.85
C VAL B 360 -22.69 10.37 18.65
N ASN B 361 -23.94 10.03 18.94
CA ASN B 361 -24.50 8.69 18.78
C ASN B 361 -25.18 8.75 17.43
N ILE B 362 -24.69 7.95 16.48
CA ILE B 362 -25.12 8.05 15.08
C ILE B 362 -26.49 7.45 14.85
N CYS B 363 -27.33 8.17 14.11
CA CYS B 363 -28.69 7.74 13.94
C CYS B 363 -28.86 6.54 13.00
N SER B 364 -29.99 5.86 13.17
CA SER B 364 -30.28 4.58 12.54
C SER B 364 -30.11 4.61 11.02
N GLY B 365 -30.59 5.68 10.40
CA GLY B 365 -30.54 5.84 8.95
C GLY B 365 -29.16 6.13 8.38
N ALA B 366 -28.25 6.61 9.22
CA ALA B 366 -26.91 6.99 8.80
C ALA B 366 -25.89 5.90 9.11
N LEU B 367 -26.27 4.91 9.92
CA LEU B 367 -25.40 3.77 10.22
C LEU B 367 -25.15 2.94 8.96
N ASN B 368 -23.91 2.53 8.79
CA ASN B 368 -23.56 1.53 7.77
C ASN B 368 -24.05 0.14 8.25
N ASN B 369 -24.18 -0.80 7.32
CA ASN B 369 -24.79 -2.08 7.62
C ASN B 369 -24.17 -2.88 8.73
N ALA B 370 -22.85 -2.86 8.84
CA ALA B 370 -22.16 -3.71 9.81
C ALA B 370 -22.40 -3.27 11.25
N ALA B 371 -22.60 -1.98 11.45
CA ALA B 371 -22.66 -1.41 12.81
C ALA B 371 -24.04 -1.60 13.46
N ALA B 372 -24.05 -2.11 14.70
CA ALA B 372 -25.26 -2.16 15.52
C ALA B 372 -25.43 -0.84 16.30
N LYS B 373 -24.33 -0.09 16.41
CA LYS B 373 -24.29 1.20 17.07
C LYS B 373 -22.94 1.85 16.75
N LYS B 374 -22.93 3.17 16.67
CA LYS B 374 -21.71 3.90 16.33
C LYS B 374 -21.66 5.22 17.08
N TYR B 375 -20.52 5.48 17.71
CA TYR B 375 -20.18 6.81 18.18
C TYR B 375 -19.16 7.48 17.26
N ASP B 376 -19.37 8.73 16.89
CA ASP B 376 -18.32 9.52 16.27
C ASP B 376 -17.83 10.60 17.22
N LEU B 377 -16.52 10.87 17.22
CA LEU B 377 -15.97 12.01 17.93
C LEU B 377 -15.60 13.03 16.87
N GLU B 378 -16.28 14.17 16.94
CA GLU B 378 -16.09 15.29 16.03
C GLU B 378 -15.38 16.39 16.79
N ALA B 379 -14.20 16.74 16.32
CA ALA B 379 -13.36 17.74 16.96
C ALA B 379 -13.77 19.11 16.49
N TRP B 380 -13.61 20.08 17.36
CA TRP B 380 -13.90 21.48 17.02
C TRP B 380 -12.72 22.12 16.28
N PHE B 381 -13.01 22.62 15.08
CA PHE B 381 -12.02 23.34 14.26
C PHE B 381 -12.38 24.81 14.35
N PRO B 382 -11.66 25.59 15.16
CA PRO B 382 -12.11 26.96 15.50
C PRO B 382 -12.01 28.01 14.40
N ALA B 383 -11.16 27.79 13.39
CA ALA B 383 -10.99 28.73 12.31
C ALA B 383 -12.00 28.41 11.22
N SER B 384 -12.23 27.12 10.99
CA SER B 384 -13.27 26.68 10.07
C SER B 384 -14.66 26.94 10.68
N GLY B 385 -14.75 27.04 12.01
CA GLY B 385 -16.03 27.15 12.71
C GLY B 385 -16.93 25.91 12.65
N ALA B 386 -16.37 24.73 12.74
CA ALA B 386 -17.17 23.51 12.57
C ALA B 386 -16.64 22.32 13.39
N PHE B 387 -17.55 21.40 13.69
CA PHE B 387 -17.19 20.08 14.14
C PHE B 387 -16.93 19.18 12.93
N ARG B 388 -15.81 18.45 12.98
CA ARG B 388 -15.46 17.53 11.92
C ARG B 388 -15.03 16.24 12.55
N GLU B 389 -15.51 15.16 11.94
CA GLU B 389 -15.29 13.85 12.44
C GLU B 389 -13.80 13.55 12.43
N LEU B 390 -13.28 13.15 13.58
CA LEU B 390 -11.90 12.63 13.68
C LEU B 390 -11.86 11.12 13.92
N VAL B 391 -12.92 10.64 14.52
CA VAL B 391 -12.98 9.27 15.07
C VAL B 391 -14.39 8.71 14.90
N SER B 392 -14.49 7.43 14.56
CA SER B 392 -15.72 6.62 14.71
C SER B 392 -15.38 5.36 15.47
N CYS B 393 -16.27 4.94 16.35
CA CYS B 393 -16.16 3.67 17.05
C CYS B 393 -17.46 2.94 16.89
N SER B 394 -17.42 1.69 16.47
CA SER B 394 -18.65 0.99 16.32
C SER B 394 -18.62 -0.43 16.85
N ASN B 395 -19.76 -0.89 17.34
CA ASN B 395 -19.92 -2.32 17.68
C ASN B 395 -20.58 -3.01 16.50
N CYS B 396 -19.86 -3.96 15.90
CA CYS B 396 -20.36 -4.69 14.76
C CYS B 396 -20.86 -6.07 15.18
N THR B 397 -20.97 -6.30 16.48
CA THR B 397 -21.38 -7.59 17.05
C THR B 397 -20.85 -8.73 16.18
N ASP B 398 -21.76 -9.54 15.62
CA ASP B 398 -21.33 -10.76 14.90
C ASP B 398 -21.43 -10.64 13.40
N TYR B 399 -21.50 -9.42 12.88
CA TYR B 399 -21.72 -9.21 11.45
C TYR B 399 -20.51 -9.55 10.56
N GLN B 400 -19.33 -9.06 10.91
CA GLN B 400 -18.10 -9.39 10.18
C GLN B 400 -17.69 -10.79 10.58
N SER B 401 -17.83 -11.13 11.86
CA SER B 401 -17.38 -12.45 12.33
C SER B 401 -18.13 -13.59 11.66
N GLN B 402 -19.43 -13.42 11.41
CA GLN B 402 -20.20 -14.41 10.64
C GLN B 402 -19.69 -14.50 9.19
N SER B 403 -19.36 -13.36 8.57
CA SER B 403 -18.88 -13.37 7.17
C SER B 403 -17.49 -14.02 7.04
N VAL B 404 -16.60 -13.75 8.00
CA VAL B 404 -15.27 -14.35 8.01
C VAL B 404 -15.22 -15.69 8.76
N ASN B 405 -16.37 -16.11 9.29
CA ASN B 405 -16.52 -17.38 10.02
C ASN B 405 -15.58 -17.48 11.21
N CYS B 406 -15.62 -16.49 12.11
CA CYS B 406 -14.84 -16.49 13.35
C CYS B 406 -15.74 -16.93 14.48
N ARG B 407 -15.64 -18.20 14.87
CA ARG B 407 -16.60 -18.85 15.74
C ARG B 407 -16.17 -18.67 17.18
N TYR B 408 -17.13 -18.87 18.09
CA TYR B 408 -16.94 -18.78 19.51
C TYR B 408 -17.58 -20.00 20.14
N GLY B 409 -17.04 -20.44 21.27
CA GLY B 409 -17.65 -21.49 22.08
C GLY B 409 -16.94 -22.82 22.02
N PRO B 410 -17.46 -23.82 22.74
CA PRO B 410 -16.84 -25.14 22.70
C PRO B 410 -16.66 -25.67 21.28
N ASN B 411 -15.51 -26.26 21.00
CA ASN B 411 -15.17 -26.75 19.69
C ASN B 411 -14.69 -28.17 19.86
N LEU B 412 -15.62 -29.11 19.89
CA LEU B 412 -15.29 -30.47 20.32
C LEU B 412 -15.71 -31.47 19.28
N ARG B 413 -15.01 -32.59 19.28
CA ARG B 413 -15.39 -33.76 18.52
C ARG B 413 -16.79 -34.20 18.91
N GLY B 414 -17.57 -34.65 17.92
CA GLY B 414 -18.91 -35.21 18.15
C GLY B 414 -20.10 -34.26 18.10
N THR B 415 -19.85 -32.98 17.91
CA THR B 415 -20.95 -32.02 17.82
C THR B 415 -21.60 -32.11 16.44
N ALA B 416 -22.91 -32.36 16.40
CA ALA B 416 -23.67 -32.43 15.15
C ALA B 416 -24.09 -31.01 14.68
N ALA B 417 -25.02 -30.96 13.73
CA ALA B 417 -25.57 -29.68 13.22
C ALA B 417 -25.99 -28.78 14.38
N GLN B 418 -25.14 -27.82 14.73
CA GLN B 418 -25.36 -26.97 15.90
C GLN B 418 -26.51 -26.00 15.70
N ASN B 419 -27.64 -26.30 16.33
CA ASN B 419 -28.83 -25.42 16.35
C ASN B 419 -28.49 -23.91 16.34
N VAL B 420 -27.58 -23.49 17.23
CA VAL B 420 -27.00 -22.15 17.15
C VAL B 420 -25.46 -22.24 17.13
N LYS B 421 -24.93 -21.79 16.00
CA LYS B 421 -23.53 -21.52 15.88
C LYS B 421 -23.35 -20.19 16.55
N GLU B 422 -22.38 -20.07 17.46
CA GLU B 422 -21.99 -18.76 18.00
C GLU B 422 -20.73 -18.20 17.32
N TYR B 423 -20.70 -16.87 17.17
CA TYR B 423 -19.59 -16.18 16.59
C TYR B 423 -19.06 -15.12 17.57
N CYS B 424 -17.80 -14.76 17.45
CA CYS B 424 -17.24 -13.73 18.28
C CYS B 424 -17.93 -12.42 17.98
N HIS B 425 -17.72 -11.46 18.84
CA HIS B 425 -18.11 -10.09 18.51
C HIS B 425 -16.88 -9.35 18.12
N MET B 426 -17.01 -8.44 17.16
CA MET B 426 -15.94 -7.56 16.80
C MET B 426 -16.35 -6.10 16.85
N LEU B 427 -15.41 -5.28 17.25
CA LEU B 427 -15.59 -3.85 17.27
C LEU B 427 -14.40 -3.21 16.63
N ASN B 428 -14.62 -2.04 16.06
CA ASN B 428 -13.50 -1.27 15.59
C ASN B 428 -13.71 0.23 15.81
N GLY B 429 -12.61 0.94 15.97
CA GLY B 429 -12.68 2.39 16.10
C GLY B 429 -11.38 3.11 15.87
N THR B 430 -11.47 4.28 15.29
CA THR B 430 -10.28 5.10 15.11
C THR B 430 -9.71 5.55 16.45
N LEU B 431 -8.41 5.42 16.62
CA LEU B 431 -7.72 6.15 17.68
C LEU B 431 -7.24 7.48 17.10
N CYS B 432 -6.46 7.41 16.03
CA CYS B 432 -5.99 8.62 15.38
C CYS B 432 -5.86 8.50 13.89
N ALA B 433 -6.63 9.32 13.16
CA ALA B 433 -6.45 9.54 11.74
C ALA B 433 -5.49 10.73 11.62
N ILE B 434 -4.27 10.47 11.16
CA ILE B 434 -3.12 11.32 11.44
C ILE B 434 -3.26 12.69 10.73
N THR B 435 -3.61 12.71 9.45
CA THR B 435 -3.72 13.97 8.74
C THR B 435 -4.87 14.83 9.28
N ARG B 436 -6.00 14.20 9.62
CA ARG B 436 -7.13 14.94 10.16
C ARG B 436 -6.80 15.55 11.52
N THR B 437 -6.11 14.79 12.34
CA THR B 437 -5.62 15.27 13.62
C THR B 437 -4.60 16.39 13.45
N MET B 438 -3.72 16.28 12.49
CA MET B 438 -2.77 17.36 12.23
C MET B 438 -3.51 18.67 11.82
N CYS B 439 -4.51 18.57 10.98
CA CYS B 439 -5.33 19.72 10.61
C CYS B 439 -5.98 20.35 11.87
N CYS B 440 -6.53 19.51 12.73
CA CYS B 440 -7.14 19.95 13.98
C CYS B 440 -6.15 20.65 14.93
N ILE B 441 -4.97 20.08 15.06
CA ILE B 441 -3.92 20.67 15.90
C ILE B 441 -3.48 22.01 15.36
N CYS B 442 -3.31 22.11 14.04
CA CYS B 442 -2.88 23.34 13.41
C CYS B 442 -3.88 24.48 13.70
N GLU B 443 -5.17 24.22 13.55
CA GLU B 443 -6.19 25.25 13.84
C GLU B 443 -6.22 25.64 15.31
N ASN B 444 -6.18 24.63 16.17
CA ASN B 444 -6.30 24.85 17.60
C ASN B 444 -5.04 25.39 18.30
N TYR B 445 -3.86 25.16 17.73
CA TYR B 445 -2.59 25.58 18.33
C TYR B 445 -1.85 26.69 17.56
N GLN B 446 -2.51 27.32 16.60
CA GLN B 446 -1.88 28.37 15.83
C GLN B 446 -1.58 29.62 16.67
N THR B 447 -0.52 30.31 16.32
CA THR B 447 -0.21 31.60 16.93
C THR B 447 0.24 32.41 15.75
N GLU B 448 0.70 33.62 16.05
CA GLU B 448 1.16 34.56 15.06
C GLU B 448 2.45 34.07 14.35
N GLU B 449 3.26 33.29 15.06
CA GLU B 449 4.55 32.78 14.60
C GLU B 449 4.51 31.36 13.97
N GLY B 450 3.46 30.59 14.25
CA GLY B 450 3.36 29.22 13.69
C GLY B 450 2.38 28.38 14.45
N VAL B 451 2.73 27.10 14.68
CA VAL B 451 1.87 26.18 15.40
C VAL B 451 2.60 25.62 16.61
N VAL B 452 1.99 25.78 17.78
CA VAL B 452 2.51 25.25 19.01
C VAL B 452 2.27 23.75 18.99
N ILE B 453 3.30 23.01 19.38
CA ILE B 453 3.20 21.55 19.49
C ILE B 453 2.57 21.19 20.86
N PRO B 454 1.46 20.45 20.85
CA PRO B 454 0.87 19.97 22.09
C PRO B 454 1.86 19.29 23.02
N ASP B 455 1.78 19.61 24.30
CA ASP B 455 2.74 19.12 25.32
C ASP B 455 3.11 17.66 25.15
N VAL B 456 2.11 16.80 24.95
CA VAL B 456 2.40 15.37 25.00
C VAL B 456 3.17 14.90 23.79
N LEU B 457 3.09 15.61 22.66
CA LEU B 457 3.83 15.24 21.47
C LEU B 457 5.28 15.69 21.47
N ARG B 458 5.63 16.64 22.32
CA ARG B 458 6.96 17.22 22.23
C ARG B 458 8.09 16.17 22.38
N PRO B 459 8.00 15.29 23.39
CA PRO B 459 9.06 14.28 23.52
C PRO B 459 9.14 13.32 22.31
N TYR B 460 8.09 13.26 21.51
CA TYR B 460 8.06 12.46 20.28
C TYR B 460 8.52 13.18 19.03
N MET B 461 8.91 14.45 19.17
CA MET B 461 9.56 15.17 18.09
C MET B 461 10.66 16.08 18.61
N MET B 462 11.65 15.43 19.19
CA MET B 462 12.94 16.02 19.59
C MET B 462 12.81 17.26 20.52
N GLY B 463 11.73 17.29 21.30
CA GLY B 463 11.45 18.37 22.22
C GLY B 463 11.01 19.67 21.57
N ILE B 464 10.63 19.61 20.30
CA ILE B 464 10.28 20.82 19.56
C ILE B 464 8.97 21.39 20.14
N GLU B 465 8.99 22.69 20.42
CA GLU B 465 7.87 23.37 21.10
C GLU B 465 6.92 24.05 20.11
N MET B 466 7.44 24.37 18.92
CA MET B 466 6.69 25.08 17.91
C MET B 466 7.32 24.87 16.54
N ILE B 467 6.49 24.75 15.51
CA ILE B 467 6.94 24.80 14.13
C ILE B 467 6.51 26.14 13.56
N ARG B 468 7.44 26.82 12.88
CA ARG B 468 7.29 28.23 12.57
C ARG B 468 6.87 28.46 11.16
N PHE B 469 6.06 29.50 10.96
CA PHE B 469 5.78 29.98 9.62
C PHE B 469 7.06 30.31 8.89
N GLU B 470 7.03 30.14 7.58
CA GLU B 470 8.20 30.21 6.71
C GLU B 470 8.69 31.63 6.55
#